data_4Q3A
#
_entry.id   4Q3A
#
_cell.length_a   87.490
_cell.length_b   259.850
_cell.length_c   48.660
_cell.angle_alpha   90.00
_cell.angle_beta   90.00
_cell.angle_gamma   90.00
#
_symmetry.space_group_name_H-M   'P 21 21 2'
#
loop_
_entity.id
_entity.type
_entity.pdbx_description
1 polymer 'PYLD, pyrrolysine synthase'
2 non-polymer '1,4-DIHYDRONICOTINAMIDE ADENINE DINUCLEOTIDE'
3 non-polymer 'SODIUM ION'
4 non-polymer 'MAGNESIUM ION'
5 non-polymer N~6~-{[(2S,3S)-3-methyl-3,4-dihydro-2H-pyrrol-2-yl]carbonyl}-L-lysine
6 non-polymer GLYCEROL
7 non-polymer DI(HYDROXYETHYL)ETHER
8 non-polymer 1,2-ETHANEDIOL
9 non-polymer 'SULFATE ION'
10 water water
#
_entity_poly.entity_id   1
_entity_poly.type   'polypeptide(L)'
_entity_poly.pdbx_seq_one_letter_code
;SMALLTPDDLININMQLQKADSAVQEVTGLDIKGICKALYGTFSSSEKVGIVPVTSGNGIIGNFSASLHAITQYFGFDSF
VTDMPDVSGYYEAVQNGAEIILMADDRTFLAHNLKNGKMANNQPCTGIIYAEIASRYLKADSKDVLVVGLGKVGFPGAEH
LVQKDFRVYGYDADETLLERATSNLGIIPFDPANPKKFSIIFEATPCANTIPEAVLSENCVLSTPGIPCAISEELRDKYE
VQLIAEPLGIGTASMLYSVL
;
_entity_poly.pdbx_strand_id   A,B,C,D
#
# COMPACT_ATOMS: atom_id res chain seq x y z
N MET A 2 20.27 -21.09 10.92
CA MET A 2 19.87 -19.66 10.79
C MET A 2 21.10 -18.77 10.64
N ALA A 3 20.89 -17.58 10.07
CA ALA A 3 21.99 -16.70 9.66
C ALA A 3 22.23 -15.55 10.64
N LEU A 4 23.04 -15.83 11.67
CA LEU A 4 23.35 -14.83 12.70
C LEU A 4 24.75 -14.24 12.60
N LEU A 5 24.87 -12.95 12.92
CA LEU A 5 26.17 -12.27 12.97
C LEU A 5 27.13 -12.99 13.89
N THR A 6 28.41 -12.92 13.54
CA THR A 6 29.48 -13.26 14.46
C THR A 6 30.15 -11.95 14.84
N PRO A 7 30.86 -11.92 15.97
CA PRO A 7 31.60 -10.72 16.40
C PRO A 7 32.59 -10.13 15.34
N ASP A 8 33.26 -11.00 14.59
CA ASP A 8 34.16 -10.57 13.50
C ASP A 8 33.46 -9.81 12.35
N ASP A 9 32.19 -10.06 12.10
CA ASP A 9 31.43 -9.27 11.14
C ASP A 9 31.26 -7.82 11.56
N LEU A 10 31.35 -7.55 12.86
CA LEU A 10 31.10 -6.21 13.40
C LEU A 10 32.35 -5.41 13.78
N ILE A 11 33.52 -5.87 13.38
CA ILE A 11 34.77 -5.15 13.73
C ILE A 11 34.85 -3.80 13.03
N ASN A 12 35.15 -2.77 13.82
CA ASN A 12 35.29 -1.40 13.33
C ASN A 12 34.04 -0.98 12.53
N ILE A 13 32.92 -1.04 13.20
CA ILE A 13 31.63 -0.76 12.60
C ILE A 13 31.55 0.67 12.10
N ASN A 14 32.22 1.61 12.79
CA ASN A 14 32.26 3.00 12.33
C ASN A 14 32.90 3.15 10.95
N MET A 15 33.92 2.36 10.67
CA MET A 15 34.59 2.40 9.37
C MET A 15 33.71 1.73 8.31
N GLN A 16 33.06 0.64 8.69
CA GLN A 16 32.17 -0.06 7.79
C GLN A 16 31.02 0.87 7.41
N LEU A 17 30.51 1.61 8.38
CA LEU A 17 29.43 2.59 8.11
C LEU A 17 29.91 3.73 7.24
N GLN A 18 31.07 4.31 7.58
CA GLN A 18 31.68 5.35 6.75
C GLN A 18 31.81 4.91 5.29
N LYS A 19 32.38 3.73 5.07
CA LYS A 19 32.56 3.20 3.72
C LYS A 19 31.23 2.95 3.02
N ALA A 20 30.24 2.43 3.73
CA ALA A 20 28.95 2.17 3.14
C ALA A 20 28.28 3.49 2.77
N ASP A 21 28.44 4.50 3.61
CA ASP A 21 27.76 5.77 3.41
C ASP A 21 28.37 6.49 2.18
N SER A 22 29.70 6.41 2.01
CA SER A 22 30.35 6.96 0.80
C SER A 22 29.88 6.27 -0.47
N ALA A 23 29.77 4.95 -0.41
CA ALA A 23 29.29 4.17 -1.55
C ALA A 23 27.84 4.54 -1.90
N VAL A 24 27.00 4.69 -0.88
CA VAL A 24 25.62 5.08 -1.08
C VAL A 24 25.54 6.47 -1.72
N GLN A 25 26.37 7.41 -1.25
CA GLN A 25 26.44 8.76 -1.86
C GLN A 25 26.88 8.72 -3.33
N GLU A 26 27.91 7.93 -3.62
CA GLU A 26 28.39 7.75 -5.00
C GLU A 26 27.28 7.24 -5.91
N VAL A 27 26.54 6.25 -5.41
CA VAL A 27 25.55 5.57 -6.22
C VAL A 27 24.29 6.41 -6.40
N THR A 28 23.81 7.07 -5.34
CA THR A 28 22.49 7.71 -5.35
C THR A 28 22.44 9.22 -5.27
N GLY A 29 23.57 9.86 -4.98
CA GLY A 29 23.59 11.31 -4.73
C GLY A 29 23.12 11.70 -3.35
N LEU A 30 22.81 10.70 -2.52
CA LEU A 30 22.31 10.93 -1.16
C LEU A 30 23.11 10.10 -0.16
N ASP A 31 23.25 10.60 1.06
CA ASP A 31 23.82 9.80 2.17
C ASP A 31 22.72 8.92 2.79
N ILE A 32 23.09 8.06 3.74
CA ILE A 32 22.10 7.16 4.33
C ILE A 32 20.95 7.95 4.97
N LYS A 33 21.24 9.05 5.64
CA LYS A 33 20.16 9.88 6.21
C LYS A 33 19.21 10.38 5.14
N GLY A 34 19.74 10.74 3.97
CA GLY A 34 18.93 11.21 2.84
C GLY A 34 18.05 10.13 2.24
N ILE A 35 18.56 8.90 2.19
CA ILE A 35 17.76 7.75 1.77
C ILE A 35 16.59 7.54 2.74
N CYS A 36 16.88 7.57 4.03
CA CYS A 36 15.83 7.41 5.05
C CYS A 36 14.81 8.56 5.00
N LYS A 37 15.27 9.76 4.71
CA LYS A 37 14.35 10.90 4.54
C LYS A 37 13.43 10.67 3.31
N ALA A 38 13.98 10.14 2.22
CA ALA A 38 13.20 9.81 1.02
C ALA A 38 12.19 8.70 1.28
N LEU A 39 12.58 7.72 2.10
CA LEU A 39 11.73 6.57 2.40
C LEU A 39 10.60 6.91 3.34
N TYR A 40 10.90 7.70 4.36
CA TYR A 40 10.02 7.88 5.50
C TYR A 40 9.70 9.33 5.82
N GLY A 41 10.42 10.27 5.21
CA GLY A 41 10.21 11.71 5.45
C GLY A 41 10.72 12.23 6.78
N THR A 42 11.50 11.42 7.50
CA THR A 42 11.86 11.73 8.87
C THR A 42 13.35 12.08 8.99
N PHE A 43 13.68 12.76 10.09
CA PHE A 43 15.06 13.10 10.43
C PHE A 43 15.24 12.95 11.94
N SER A 44 16.46 12.73 12.39
CA SER A 44 16.71 12.54 13.84
C SER A 44 16.83 13.88 14.58
N SER A 45 16.35 13.88 15.83
CA SER A 45 16.47 15.04 16.71
C SER A 45 16.91 14.62 18.11
N SER A 46 17.93 13.76 18.15
CA SER A 46 18.51 13.26 19.39
C SER A 46 17.50 12.50 20.27
N GLU A 47 16.59 11.76 19.64
CA GLU A 47 15.71 10.85 20.38
C GLU A 47 16.56 9.86 21.20
N LYS A 48 16.10 9.58 22.40
CA LYS A 48 16.80 8.69 23.30
C LYS A 48 16.48 7.25 22.98
N VAL A 49 17.52 6.48 22.67
CA VAL A 49 17.38 5.08 22.29
C VAL A 49 18.02 4.16 23.32
N GLY A 50 17.23 3.28 23.92
CA GLY A 50 17.72 2.33 24.89
C GLY A 50 17.99 0.99 24.21
N ILE A 51 19.22 0.52 24.31
CA ILE A 51 19.64 -0.72 23.66
C ILE A 51 19.72 -1.79 24.71
N VAL A 52 18.95 -2.87 24.52
CA VAL A 52 18.82 -3.91 25.52
C VAL A 52 19.47 -5.22 25.04
N PRO A 53 20.59 -5.63 25.68
CA PRO A 53 21.14 -6.95 25.35
C PRO A 53 20.15 -8.05 25.73
N VAL A 54 20.13 -9.12 24.93
CA VAL A 54 19.21 -10.23 25.10
C VAL A 54 19.99 -11.56 25.07
N THR A 55 19.76 -12.40 26.10
CA THR A 55 20.52 -13.63 26.33
C THR A 55 19.82 -14.89 25.81
N SER A 56 18.64 -14.75 25.24
CA SER A 56 17.88 -15.93 24.86
C SER A 56 18.48 -16.59 23.63
N GLY A 57 18.17 -17.87 23.44
CA GLY A 57 18.67 -18.64 22.30
C GLY A 57 20.19 -18.66 22.30
N ASN A 58 20.78 -18.32 21.15
CA ASN A 58 22.23 -18.26 20.96
C ASN A 58 22.86 -17.25 21.90
N GLY A 59 22.10 -16.25 22.33
CA GLY A 59 22.56 -15.35 23.39
C GLY A 59 23.19 -14.08 22.90
N ILE A 60 23.87 -13.39 23.81
CA ILE A 60 24.54 -12.15 23.51
C ILE A 60 25.61 -12.39 22.45
N ILE A 61 25.55 -11.64 21.36
CA ILE A 61 26.61 -11.70 20.33
C ILE A 61 27.63 -10.61 20.62
N GLY A 62 28.91 -10.99 20.66
CA GLY A 62 30.02 -10.05 20.90
C GLY A 62 29.99 -8.93 19.89
N ASN A 63 30.16 -7.70 20.36
CA ASN A 63 30.14 -6.47 19.53
C ASN A 63 28.77 -6.02 19.04
N PHE A 64 27.72 -6.77 19.31
CA PHE A 64 26.39 -6.43 18.83
C PHE A 64 25.82 -5.16 19.49
N SER A 65 25.77 -5.11 20.82
CA SER A 65 25.23 -3.92 21.50
C SER A 65 26.17 -2.72 21.33
N ALA A 66 27.48 -2.95 21.43
CA ALA A 66 28.47 -1.92 21.11
C ALA A 66 28.29 -1.35 19.69
N SER A 67 28.03 -2.21 18.71
CA SER A 67 27.84 -1.72 17.34
C SER A 67 26.58 -0.88 17.19
N LEU A 68 25.49 -1.31 17.83
CA LEU A 68 24.25 -0.55 17.82
C LEU A 68 24.40 0.80 18.51
N HIS A 69 25.18 0.82 19.58
CA HIS A 69 25.52 2.03 20.32
C HIS A 69 26.23 3.03 19.41
N ALA A 70 27.15 2.53 18.59
CA ALA A 70 27.87 3.38 17.64
C ALA A 70 27.01 3.81 16.46
N ILE A 71 26.20 2.89 15.92
CA ILE A 71 25.33 3.16 14.78
C ILE A 71 24.33 4.27 15.12
N THR A 72 23.69 4.11 16.27
CA THR A 72 22.70 5.08 16.70
C THR A 72 23.30 6.47 16.88
N GLN A 73 24.50 6.55 17.47
CA GLN A 73 25.18 7.83 17.63
C GLN A 73 25.54 8.44 16.28
N TYR A 74 26.01 7.60 15.37
CA TYR A 74 26.37 8.00 14.03
C TYR A 74 25.22 8.73 13.32
N PHE A 75 23.98 8.30 13.56
CA PHE A 75 22.82 8.91 12.92
C PHE A 75 22.17 10.00 13.77
N GLY A 76 22.81 10.40 14.86
CA GLY A 76 22.36 11.50 15.65
C GLY A 76 21.37 11.15 16.75
N PHE A 77 21.30 9.88 17.16
CA PHE A 77 20.42 9.50 18.29
C PHE A 77 21.20 9.52 19.59
N ASP A 78 20.53 9.89 20.67
CA ASP A 78 21.08 9.81 22.03
C ASP A 78 20.87 8.41 22.60
N SER A 79 21.82 7.51 22.38
CA SER A 79 21.62 6.11 22.73
C SER A 79 22.39 5.69 23.99
N PHE A 80 21.94 4.59 24.59
CA PHE A 80 22.65 3.97 25.70
C PHE A 80 22.35 2.47 25.68
N VAL A 81 23.21 1.71 26.33
CA VAL A 81 23.08 0.27 26.45
C VAL A 81 22.85 0.00 27.93
N THR A 82 21.81 -0.79 28.24
CA THR A 82 21.47 -1.08 29.62
C THR A 82 22.50 -2.04 30.26
N ASP A 83 22.72 -1.91 31.57
CA ASP A 83 23.62 -2.84 32.31
C ASP A 83 23.04 -4.24 32.35
N MET A 84 21.72 -4.34 32.52
CA MET A 84 21.07 -5.63 32.63
C MET A 84 20.55 -6.05 31.26
N PRO A 85 20.49 -7.36 31.01
CA PRO A 85 19.86 -7.89 29.81
C PRO A 85 18.36 -8.20 30.01
N ASP A 86 17.71 -8.60 28.92
CA ASP A 86 16.38 -9.19 28.91
C ASP A 86 15.31 -8.26 29.51
N VAL A 87 14.47 -8.77 30.41
CA VAL A 87 13.34 -7.99 30.95
C VAL A 87 13.82 -6.94 31.94
N SER A 88 14.79 -7.30 32.76
CA SER A 88 15.44 -6.36 33.66
C SER A 88 16.05 -5.19 32.90
N GLY A 89 16.69 -5.49 31.77
CA GLY A 89 17.22 -4.46 30.89
C GLY A 89 16.17 -3.55 30.26
N TYR A 90 15.06 -4.15 29.84
CA TYR A 90 13.93 -3.40 29.28
C TYR A 90 13.36 -2.42 30.32
N TYR A 91 13.22 -2.88 31.55
CA TYR A 91 12.79 -2.02 32.66
C TYR A 91 13.77 -0.86 32.87
N GLU A 92 15.06 -1.19 32.95
CA GLU A 92 16.12 -0.18 33.03
C GLU A 92 16.01 0.84 31.90
N ALA A 93 15.83 0.36 30.67
CA ALA A 93 15.77 1.23 29.52
C ALA A 93 14.63 2.25 29.66
N VAL A 94 13.44 1.76 29.97
CA VAL A 94 12.24 2.59 30.11
C VAL A 94 12.39 3.57 31.28
N GLN A 95 12.88 3.07 32.39
CA GLN A 95 13.13 3.85 33.60
C GLN A 95 14.12 4.97 33.34
N ASN A 96 15.12 4.72 32.49
CA ASN A 96 16.10 5.77 32.18
C ASN A 96 15.68 6.68 31.02
N GLY A 97 14.42 6.62 30.62
CA GLY A 97 13.86 7.62 29.71
C GLY A 97 13.95 7.30 28.23
N ALA A 98 14.26 6.04 27.87
CA ALA A 98 14.29 5.64 26.48
C ALA A 98 12.95 5.93 25.79
N GLU A 99 13.01 6.55 24.62
CA GLU A 99 11.85 6.81 23.80
C GLU A 99 11.69 5.68 22.76
N ILE A 100 12.81 5.14 22.32
CA ILE A 100 12.86 4.03 21.38
C ILE A 100 13.66 2.90 22.01
N ILE A 101 13.08 1.70 21.97
CA ILE A 101 13.73 0.50 22.46
C ILE A 101 14.26 -0.28 21.26
N LEU A 102 15.51 -0.71 21.34
CA LEU A 102 16.15 -1.47 20.30
C LEU A 102 16.64 -2.75 20.94
N MET A 103 16.15 -3.89 20.45
CA MET A 103 16.52 -5.19 20.97
C MET A 103 16.25 -6.34 19.98
N ALA A 104 16.98 -7.44 20.13
CA ALA A 104 16.89 -8.56 19.20
C ALA A 104 17.11 -9.89 19.88
N ASP A 105 16.29 -10.87 19.51
CA ASP A 105 16.60 -12.26 19.81
C ASP A 105 17.04 -12.93 18.49
N ASP A 106 17.17 -14.25 18.48
CA ASP A 106 17.67 -14.94 17.30
C ASP A 106 16.75 -14.82 16.08
N ARG A 107 15.46 -14.52 16.28
CA ARG A 107 14.47 -14.47 15.21
C ARG A 107 13.94 -13.10 14.87
N THR A 108 14.03 -12.16 15.80
CA THR A 108 13.45 -10.83 15.63
C THR A 108 14.36 -9.74 16.23
N PHE A 109 14.65 -8.74 15.41
CA PHE A 109 15.34 -7.53 15.84
C PHE A 109 14.34 -6.41 15.55
N LEU A 110 13.92 -5.72 16.61
CA LEU A 110 12.91 -4.68 16.52
C LEU A 110 13.35 -3.34 17.09
N ALA A 111 12.67 -2.30 16.63
CA ALA A 111 12.73 -0.97 17.22
C ALA A 111 11.32 -0.56 17.56
N HIS A 112 11.10 -0.13 18.81
CA HIS A 112 9.78 0.26 19.24
C HIS A 112 9.83 1.68 19.81
N ASN A 113 9.15 2.58 19.13
CA ASN A 113 9.04 3.97 19.58
C ASN A 113 7.87 4.06 20.57
N LEU A 114 8.19 4.20 21.84
CA LEU A 114 7.20 4.23 22.90
C LEU A 114 6.33 5.49 22.83
N LYS A 115 6.82 6.57 22.23
CA LYS A 115 6.06 7.84 22.19
C LYS A 115 4.92 7.84 21.19
N ASN A 116 5.10 7.20 20.03
CA ASN A 116 4.06 7.18 19.00
C ASN A 116 3.55 5.79 18.66
N GLY A 117 4.11 4.76 19.31
CA GLY A 117 3.65 3.39 19.12
C GLY A 117 4.13 2.69 17.86
N LYS A 118 4.97 3.35 17.06
CA LYS A 118 5.44 2.69 15.85
C LYS A 118 6.49 1.62 16.18
N MET A 119 6.49 0.52 15.44
CA MET A 119 7.39 -0.59 15.68
C MET A 119 7.85 -1.15 14.36
N ALA A 120 9.15 -1.37 14.24
CA ALA A 120 9.78 -1.81 13.01
C ALA A 120 10.44 -3.16 13.25
N ASN A 121 10.42 -4.00 12.22
CA ASN A 121 11.12 -5.28 12.18
C ASN A 121 12.33 -5.11 11.25
N ASN A 122 13.50 -5.51 11.70
CA ASN A 122 14.71 -5.42 10.90
C ASN A 122 14.63 -6.02 9.48
N GLN A 123 13.90 -7.12 9.33
CA GLN A 123 13.90 -7.84 8.05
C GLN A 123 13.25 -7.03 6.91
N PRO A 124 11.98 -6.63 7.07
CA PRO A 124 11.46 -5.76 6.00
C PRO A 124 12.20 -4.42 5.87
N CYS A 125 12.61 -3.83 6.99
CA CYS A 125 13.30 -2.53 6.94
C CYS A 125 14.62 -2.60 6.17
N THR A 126 15.36 -3.68 6.40
CA THR A 126 16.58 -3.94 5.66
C THR A 126 16.32 -4.16 4.17
N GLY A 127 15.36 -5.02 3.84
CA GLY A 127 15.00 -5.23 2.43
C GLY A 127 14.63 -3.94 1.70
N ILE A 128 13.75 -3.17 2.33
CA ILE A 128 13.26 -1.91 1.76
C ILE A 128 14.42 -0.93 1.48
N ILE A 129 15.30 -0.71 2.45
CA ILE A 129 16.35 0.32 2.28
C ILE A 129 17.41 -0.07 1.25
N TYR A 130 17.85 -1.32 1.24
CA TYR A 130 18.79 -1.77 0.22
C TYR A 130 18.14 -1.81 -1.17
N ALA A 131 16.85 -2.08 -1.24
CA ALA A 131 16.14 -1.99 -2.53
C ALA A 131 15.99 -0.54 -2.97
N GLU A 132 15.73 0.35 -2.01
CA GLU A 132 15.63 1.79 -2.29
C GLU A 132 16.95 2.34 -2.86
N ILE A 133 18.05 1.98 -2.21
CA ILE A 133 19.38 2.39 -2.63
C ILE A 133 19.67 1.94 -4.08
N ALA A 134 19.43 0.66 -4.34
CA ALA A 134 19.63 0.09 -5.67
C ALA A 134 18.76 0.84 -6.68
N SER A 135 17.51 1.11 -6.29
CA SER A 135 16.57 1.77 -7.18
C SER A 135 17.01 3.19 -7.55
N ARG A 136 17.87 3.78 -6.73
CA ARG A 136 18.22 5.18 -6.88
C ARG A 136 19.58 5.36 -7.59
N TYR A 137 20.07 4.28 -8.18
CA TYR A 137 21.34 4.31 -8.89
C TYR A 137 21.26 5.27 -10.08
N LEU A 138 22.03 6.36 -9.96
CA LEU A 138 21.91 7.51 -10.85
C LEU A 138 22.15 7.20 -12.33
N LYS A 139 23.07 6.29 -12.60
CA LYS A 139 23.47 5.98 -13.96
C LYS A 139 22.96 4.61 -14.40
N ALA A 140 21.78 4.20 -13.94
CA ALA A 140 21.28 2.86 -14.25
C ALA A 140 20.84 2.73 -15.71
N ASP A 141 20.13 3.74 -16.21
CA ASP A 141 19.61 3.72 -17.58
C ASP A 141 18.73 2.49 -17.86
N SER A 142 17.98 2.06 -16.85
CA SER A 142 17.10 0.89 -16.95
C SER A 142 16.21 0.83 -15.73
N LYS A 143 15.02 0.27 -15.92
CA LYS A 143 14.10 0.00 -14.83
C LYS A 143 14.09 -1.50 -14.49
N ASP A 144 14.98 -2.27 -15.11
CA ASP A 144 15.08 -3.69 -14.85
C ASP A 144 15.95 -3.89 -13.62
N VAL A 145 15.50 -4.75 -12.72
CA VAL A 145 16.29 -5.06 -11.54
C VAL A 145 16.21 -6.54 -11.26
N LEU A 146 17.33 -7.12 -10.84
CA LEU A 146 17.39 -8.53 -10.45
C LEU A 146 17.44 -8.62 -8.93
N VAL A 147 16.53 -9.42 -8.37
CA VAL A 147 16.52 -9.74 -6.96
C VAL A 147 16.86 -11.23 -6.77
N VAL A 148 17.95 -11.50 -6.04
CA VAL A 148 18.40 -12.85 -5.74
C VAL A 148 18.23 -13.12 -4.25
N GLY A 149 17.30 -14.01 -3.92
CA GLY A 149 16.92 -14.26 -2.53
C GLY A 149 15.61 -13.57 -2.24
N LEU A 150 14.57 -14.36 -2.00
CA LEU A 150 13.22 -13.85 -1.81
C LEU A 150 12.65 -14.32 -0.50
N GLY A 151 13.48 -14.28 0.54
CA GLY A 151 13.08 -14.67 1.89
C GLY A 151 12.61 -13.48 2.68
N LYS A 152 12.89 -13.49 3.97
CA LYS A 152 12.39 -12.48 4.89
C LYS A 152 12.89 -11.07 4.61
N VAL A 153 14.10 -10.94 4.10
CA VAL A 153 14.65 -9.65 3.70
C VAL A 153 14.35 -9.39 2.22
N GLY A 154 14.56 -10.41 1.40
CA GLY A 154 14.43 -10.29 -0.05
C GLY A 154 13.02 -10.04 -0.56
N PHE A 155 12.04 -10.70 0.04
CA PHE A 155 10.66 -10.57 -0.40
C PHE A 155 10.17 -9.11 -0.21
N PRO A 156 10.39 -8.51 0.96
CA PRO A 156 9.95 -7.10 1.07
C PRO A 156 10.73 -6.13 0.18
N GLY A 157 12.02 -6.41 -0.07
CA GLY A 157 12.78 -5.63 -1.02
C GLY A 157 12.17 -5.65 -2.43
N ALA A 158 11.82 -6.85 -2.89
CA ALA A 158 11.21 -7.03 -4.21
C ALA A 158 9.86 -6.34 -4.26
N GLU A 159 9.12 -6.44 -3.16
CA GLU A 159 7.81 -5.81 -3.07
C GLU A 159 7.92 -4.30 -3.18
N HIS A 160 8.91 -3.75 -2.49
CA HIS A 160 9.20 -2.32 -2.56
C HIS A 160 9.51 -1.89 -4.01
N LEU A 161 10.34 -2.68 -4.70
CA LEU A 161 10.72 -2.38 -6.08
C LEU A 161 9.52 -2.43 -7.04
N VAL A 162 8.60 -3.37 -6.79
CA VAL A 162 7.36 -3.50 -7.57
C VAL A 162 6.47 -2.29 -7.30
N GLN A 163 6.37 -1.88 -6.04
CA GLN A 163 5.64 -0.65 -5.71
C GLN A 163 6.22 0.61 -6.40
N LYS A 164 7.55 0.65 -6.52
CA LYS A 164 8.23 1.76 -7.22
C LYS A 164 8.19 1.68 -8.74
N ASP A 165 7.49 0.67 -9.25
CA ASP A 165 7.20 0.50 -10.67
C ASP A 165 8.41 0.07 -11.49
N PHE A 166 9.33 -0.66 -10.85
CA PHE A 166 10.44 -1.27 -11.56
C PHE A 166 10.00 -2.59 -12.21
N ARG A 167 10.78 -3.03 -13.17
CA ARG A 167 10.55 -4.32 -13.82
C ARG A 167 11.42 -5.29 -13.07
N VAL A 168 10.80 -6.06 -12.18
CA VAL A 168 11.53 -6.87 -11.23
C VAL A 168 11.65 -8.33 -11.65
N TYR A 169 12.89 -8.78 -11.83
CA TYR A 169 13.18 -10.20 -12.06
C TYR A 169 13.65 -10.83 -10.74
N GLY A 170 13.17 -12.03 -10.43
CA GLY A 170 13.47 -12.66 -9.16
C GLY A 170 13.97 -14.09 -9.29
N TYR A 171 14.89 -14.45 -8.40
CA TYR A 171 15.36 -15.82 -8.30
C TYR A 171 15.58 -16.23 -6.84
N ASP A 172 15.15 -17.44 -6.51
CA ASP A 172 15.48 -18.04 -5.22
C ASP A 172 15.76 -19.51 -5.50
N ALA A 173 16.75 -20.08 -4.80
CA ALA A 173 17.08 -21.49 -4.99
C ALA A 173 15.97 -22.42 -4.52
N ASP A 174 15.12 -21.95 -3.61
CA ASP A 174 13.91 -22.67 -3.21
C ASP A 174 12.78 -22.29 -4.17
N GLU A 175 12.31 -23.29 -4.89
CA GLU A 175 11.28 -23.14 -5.95
C GLU A 175 9.97 -22.62 -5.38
N THR A 176 9.64 -23.08 -4.18
CA THR A 176 8.43 -22.67 -3.48
C THR A 176 8.44 -21.18 -3.12
N LEU A 177 9.60 -20.67 -2.67
CA LEU A 177 9.74 -19.24 -2.40
C LEU A 177 9.62 -18.45 -3.70
N LEU A 178 10.23 -18.97 -4.78
CA LEU A 178 10.17 -18.29 -6.07
C LEU A 178 8.73 -18.17 -6.53
N GLU A 179 8.00 -19.28 -6.39
CA GLU A 179 6.59 -19.35 -6.75
C GLU A 179 5.75 -18.37 -5.91
N ARG A 180 6.01 -18.34 -4.61
CA ARG A 180 5.34 -17.41 -3.71
C ARG A 180 5.50 -15.95 -4.15
N ALA A 181 6.71 -15.59 -4.58
CA ALA A 181 6.99 -14.23 -5.01
C ALA A 181 6.30 -13.90 -6.33
N THR A 182 6.34 -14.83 -7.29
CA THR A 182 5.77 -14.58 -8.61
C THR A 182 4.26 -14.43 -8.54
N SER A 183 3.60 -15.26 -7.75
CA SER A 183 2.15 -15.22 -7.70
C SER A 183 1.59 -14.18 -6.72
N ASN A 184 2.38 -13.72 -5.73
CA ASN A 184 1.92 -12.66 -4.82
C ASN A 184 2.39 -11.26 -5.20
N LEU A 185 3.55 -11.15 -5.86
CA LEU A 185 4.12 -9.85 -6.26
C LEU A 185 4.06 -9.59 -7.79
N GLY A 186 3.93 -10.65 -8.59
CA GLY A 186 3.93 -10.53 -10.05
C GLY A 186 5.30 -10.30 -10.65
N ILE A 187 6.35 -10.66 -9.93
CA ILE A 187 7.69 -10.54 -10.48
C ILE A 187 7.89 -11.56 -11.59
N ILE A 188 8.90 -11.30 -12.43
CA ILE A 188 9.26 -12.19 -13.50
C ILE A 188 10.28 -13.20 -12.96
N PRO A 189 9.97 -14.52 -13.01
CA PRO A 189 10.98 -15.46 -12.55
C PRO A 189 12.23 -15.40 -13.44
N PHE A 190 13.41 -15.31 -12.82
CA PHE A 190 14.66 -15.29 -13.56
C PHE A 190 15.07 -16.73 -13.87
N ASP A 191 15.52 -16.97 -15.10
CA ASP A 191 15.95 -18.31 -15.55
C ASP A 191 17.48 -18.30 -15.65
N PRO A 192 18.18 -18.96 -14.71
CA PRO A 192 19.65 -18.97 -14.73
C PRO A 192 20.24 -19.52 -16.03
N ALA A 193 19.52 -20.43 -16.68
CA ALA A 193 19.92 -21.00 -17.96
C ALA A 193 19.67 -20.05 -19.13
N ASN A 194 18.95 -18.95 -18.89
CA ASN A 194 18.71 -17.91 -19.88
C ASN A 194 18.91 -16.51 -19.26
N PRO A 195 20.15 -16.18 -18.89
CA PRO A 195 20.43 -14.95 -18.17
C PRO A 195 20.40 -13.71 -19.06
N LYS A 196 20.31 -12.54 -18.44
CA LYS A 196 20.55 -11.27 -19.11
C LYS A 196 21.31 -10.37 -18.18
N LYS A 197 21.89 -9.30 -18.72
CA LYS A 197 22.69 -8.38 -17.93
C LYS A 197 21.82 -7.34 -17.21
N PHE A 198 22.24 -6.97 -16.00
CA PHE A 198 21.54 -5.95 -15.23
C PHE A 198 22.51 -4.87 -14.81
N SER A 199 22.01 -3.64 -14.78
CA SER A 199 22.75 -2.54 -14.21
C SER A 199 22.37 -2.34 -12.73
N ILE A 200 21.25 -2.97 -12.30
CA ILE A 200 20.79 -2.92 -10.90
C ILE A 200 20.50 -4.32 -10.34
N ILE A 201 21.21 -4.70 -9.28
CA ILE A 201 21.05 -6.02 -8.63
C ILE A 201 20.93 -5.88 -7.10
N PHE A 202 19.97 -6.61 -6.52
CA PHE A 202 19.72 -6.65 -5.09
C PHE A 202 19.85 -8.10 -4.65
N GLU A 203 20.68 -8.38 -3.66
CA GLU A 203 20.87 -9.76 -3.21
C GLU A 203 20.69 -9.87 -1.71
N ALA A 204 19.91 -10.86 -1.29
CA ALA A 204 19.63 -11.11 0.11
C ALA A 204 19.65 -12.59 0.44
N THR A 205 20.83 -13.20 0.38
CA THR A 205 21.02 -14.61 0.79
C THR A 205 22.18 -14.69 1.79
N PRO A 206 22.26 -15.78 2.57
CA PRO A 206 23.39 -16.00 3.45
C PRO A 206 24.55 -16.74 2.78
N CYS A 207 24.63 -16.69 1.45
CA CYS A 207 25.60 -17.49 0.71
C CYS A 207 26.52 -16.65 -0.17
N ALA A 208 27.75 -17.14 -0.35
CA ALA A 208 28.71 -16.49 -1.24
C ALA A 208 28.45 -16.82 -2.71
N ASN A 209 28.99 -15.98 -3.59
CA ASN A 209 29.00 -16.23 -5.04
C ASN A 209 27.65 -16.65 -5.64
N THR A 210 26.61 -15.89 -5.30
CA THR A 210 25.27 -16.15 -5.78
C THR A 210 24.96 -15.39 -7.08
N ILE A 211 25.77 -14.41 -7.42
CA ILE A 211 25.54 -13.59 -8.60
C ILE A 211 26.45 -14.05 -9.74
N PRO A 212 25.89 -14.69 -10.78
CA PRO A 212 26.74 -15.18 -11.87
C PRO A 212 27.31 -14.07 -12.72
N GLU A 213 28.50 -14.31 -13.28
CA GLU A 213 29.16 -13.36 -14.16
C GLU A 213 28.25 -12.88 -15.27
N ALA A 214 27.46 -13.80 -15.82
CA ALA A 214 26.65 -13.54 -17.00
C ALA A 214 25.59 -12.46 -16.78
N VAL A 215 25.35 -12.15 -15.50
CA VAL A 215 24.31 -11.21 -15.12
C VAL A 215 24.86 -9.79 -14.90
N LEU A 216 26.19 -9.66 -14.79
CA LEU A 216 26.84 -8.39 -14.51
C LEU A 216 27.02 -7.51 -15.75
N SER A 217 26.85 -6.22 -15.58
CA SER A 217 27.27 -5.25 -16.58
C SER A 217 28.28 -4.34 -15.91
N GLU A 218 29.08 -3.65 -16.72
CA GLU A 218 30.14 -2.78 -16.21
C GLU A 218 29.53 -1.68 -15.35
N ASN A 219 30.10 -1.47 -14.17
CA ASN A 219 29.62 -0.42 -13.24
C ASN A 219 28.24 -0.64 -12.61
N CYS A 220 27.68 -1.85 -12.74
CA CYS A 220 26.37 -2.12 -12.15
C CYS A 220 26.42 -1.97 -10.63
N VAL A 221 25.27 -1.68 -10.04
CA VAL A 221 25.16 -1.60 -8.59
C VAL A 221 24.70 -2.97 -8.08
N LEU A 222 25.39 -3.43 -7.04
CA LEU A 222 25.00 -4.63 -6.32
C LEU A 222 24.76 -4.20 -4.87
N SER A 223 23.48 -4.12 -4.51
CA SER A 223 23.08 -3.69 -3.19
C SER A 223 22.70 -4.92 -2.40
N THR A 224 23.49 -5.24 -1.38
CA THR A 224 23.30 -6.51 -0.70
C THR A 224 23.48 -6.49 0.82
N PRO A 225 22.39 -6.80 1.56
CA PRO A 225 22.51 -7.03 3.00
C PRO A 225 23.04 -8.41 3.33
N GLY A 226 23.05 -9.30 2.33
CA GLY A 226 23.51 -10.68 2.52
C GLY A 226 24.93 -10.81 3.06
N ILE A 227 25.13 -11.83 3.88
CA ILE A 227 26.42 -12.10 4.52
C ILE A 227 26.71 -13.60 4.42
N PRO A 228 27.90 -14.00 3.92
CA PRO A 228 28.99 -13.18 3.36
C PRO A 228 28.65 -12.61 1.97
N CYS A 229 29.63 -11.98 1.34
CA CYS A 229 29.43 -11.26 0.09
C CYS A 229 28.96 -12.11 -1.10
N ALA A 230 27.99 -11.56 -1.83
CA ALA A 230 27.34 -12.24 -2.96
C ALA A 230 28.24 -12.47 -4.19
N ILE A 231 29.32 -11.68 -4.30
CA ILE A 231 30.28 -11.84 -5.39
C ILE A 231 31.72 -11.87 -4.92
N SER A 232 32.53 -12.64 -5.66
CA SER A 232 33.97 -12.69 -5.47
C SER A 232 34.60 -11.33 -5.74
N GLU A 233 35.74 -11.10 -5.11
CA GLU A 233 36.57 -9.93 -5.41
C GLU A 233 36.88 -9.85 -6.89
N GLU A 234 37.22 -10.99 -7.50
CA GLU A 234 37.58 -11.05 -8.92
C GLU A 234 36.53 -10.41 -9.82
N LEU A 235 35.29 -10.88 -9.72
CA LEU A 235 34.19 -10.33 -10.52
C LEU A 235 33.87 -8.88 -10.16
N ARG A 236 33.98 -8.53 -8.88
CA ARG A 236 33.76 -7.15 -8.44
C ARG A 236 34.72 -6.20 -9.16
N ASP A 237 36.00 -6.53 -9.12
CA ASP A 237 37.06 -5.76 -9.78
C ASP A 237 36.88 -5.76 -11.29
N LYS A 238 36.62 -6.93 -11.86
CA LYS A 238 36.52 -7.09 -13.30
C LYS A 238 35.43 -6.20 -13.92
N TYR A 239 34.28 -6.08 -13.26
CA TYR A 239 33.17 -5.29 -13.81
C TYR A 239 32.99 -3.95 -13.12
N GLU A 240 33.96 -3.56 -12.28
CA GLU A 240 33.86 -2.30 -11.54
C GLU A 240 32.50 -2.20 -10.82
N VAL A 241 32.11 -3.27 -10.14
CA VAL A 241 30.80 -3.32 -9.46
C VAL A 241 30.76 -2.34 -8.29
N GLN A 242 29.68 -1.56 -8.20
CA GLN A 242 29.49 -0.65 -7.09
C GLN A 242 28.69 -1.37 -6.00
N LEU A 243 29.42 -1.78 -4.97
CA LEU A 243 28.93 -2.63 -3.91
C LEU A 243 28.41 -1.78 -2.76
N ILE A 244 27.18 -2.03 -2.35
CA ILE A 244 26.67 -1.53 -1.10
C ILE A 244 26.45 -2.75 -0.25
N ALA A 245 27.28 -2.90 0.78
CA ALA A 245 27.22 -4.10 1.62
C ALA A 245 27.77 -3.80 3.00
N GLU A 246 26.91 -3.96 4.00
CA GLU A 246 27.24 -3.53 5.34
C GLU A 246 26.39 -4.36 6.29
N PRO A 247 26.98 -4.82 7.39
CA PRO A 247 26.34 -5.90 8.19
C PRO A 247 25.19 -5.57 9.15
N LEU A 248 24.96 -4.29 9.46
CA LEU A 248 23.96 -3.97 10.50
C LEU A 248 23.44 -2.53 10.51
N GLY A 249 24.30 -1.56 10.22
CA GLY A 249 23.99 -0.14 10.37
C GLY A 249 22.94 0.46 9.44
N ILE A 250 22.93 0.06 8.17
CA ILE A 250 21.96 0.58 7.19
C ILE A 250 20.55 0.09 7.52
N GLY A 251 20.44 -1.20 7.79
CA GLY A 251 19.19 -1.81 8.24
C GLY A 251 18.68 -1.22 9.54
N THR A 252 19.59 -0.96 10.47
CA THR A 252 19.23 -0.34 11.74
C THR A 252 18.71 1.08 11.52
N ALA A 253 19.37 1.84 10.65
CA ALA A 253 18.90 3.20 10.31
C ALA A 253 17.51 3.15 9.70
N SER A 254 17.25 2.18 8.84
CA SER A 254 15.91 2.04 8.25
C SER A 254 14.86 1.80 9.36
N MET A 255 15.17 0.93 10.30
CA MET A 255 14.26 0.72 11.45
C MET A 255 13.97 2.00 12.22
N LEU A 256 15.02 2.71 12.58
CA LEU A 256 14.92 3.90 13.44
C LEU A 256 14.15 5.03 12.75
N TYR A 257 14.50 5.32 11.52
CA TYR A 257 13.83 6.40 10.82
C TYR A 257 12.39 6.04 10.45
N SER A 258 12.09 4.75 10.32
CA SER A 258 10.72 4.31 10.07
C SER A 258 9.79 4.45 11.28
N VAL A 259 10.33 4.50 12.49
CA VAL A 259 9.49 4.68 13.67
C VAL A 259 9.43 6.11 14.19
N LEU A 260 10.12 7.04 13.53
CA LEU A 260 10.09 8.45 13.95
C LEU A 260 8.80 9.10 13.49
N MET B 2 -27.90 15.69 -7.36
CA MET B 2 -26.95 14.70 -7.95
C MET B 2 -25.70 15.35 -8.52
N ALA B 3 -24.55 14.97 -7.98
CA ALA B 3 -23.26 15.47 -8.46
C ALA B 3 -22.70 14.53 -9.53
N LEU B 4 -23.15 14.70 -10.77
CA LEU B 4 -22.66 13.88 -11.89
C LEU B 4 -21.63 14.62 -12.78
N LEU B 5 -20.72 13.86 -13.36
CA LEU B 5 -19.74 14.42 -14.29
C LEU B 5 -20.43 15.05 -15.49
N THR B 6 -19.78 16.06 -16.08
CA THR B 6 -20.14 16.56 -17.40
C THR B 6 -18.99 16.24 -18.34
N PRO B 7 -19.24 16.25 -19.66
CA PRO B 7 -18.20 15.94 -20.64
C PRO B 7 -16.94 16.82 -20.54
N ASP B 8 -17.14 18.10 -20.22
CA ASP B 8 -16.02 19.05 -20.06
C ASP B 8 -15.11 18.70 -18.88
N ASP B 9 -15.64 17.99 -17.88
CA ASP B 9 -14.81 17.54 -16.77
C ASP B 9 -13.79 16.49 -17.20
N LEU B 10 -14.02 15.86 -18.35
CA LEU B 10 -13.26 14.68 -18.75
C LEU B 10 -12.37 14.93 -19.95
N ILE B 11 -12.23 16.19 -20.36
CA ILE B 11 -11.38 16.53 -21.52
C ILE B 11 -9.91 16.19 -21.24
N ASN B 12 -9.29 15.52 -22.21
CA ASN B 12 -7.88 15.13 -22.13
C ASN B 12 -7.55 14.47 -20.80
N ILE B 13 -8.27 13.38 -20.55
CA ILE B 13 -8.20 12.63 -19.32
C ILE B 13 -6.81 12.04 -19.10
N ASN B 14 -6.11 11.66 -20.17
CA ASN B 14 -4.72 11.22 -20.04
C ASN B 14 -3.82 12.30 -19.43
N MET B 15 -4.03 13.56 -19.81
CA MET B 15 -3.21 14.63 -19.27
C MET B 15 -3.58 14.91 -17.83
N GLN B 16 -4.88 14.82 -17.53
CA GLN B 16 -5.32 15.00 -16.14
C GLN B 16 -4.73 13.93 -15.22
N LEU B 17 -4.66 12.71 -15.74
CA LEU B 17 -4.09 11.58 -15.02
C LEU B 17 -2.59 11.78 -14.86
N GLN B 18 -1.91 12.18 -15.93
CA GLN B 18 -0.47 12.42 -15.86
C GLN B 18 -0.10 13.45 -14.79
N LYS B 19 -0.79 14.59 -14.80
CA LYS B 19 -0.60 15.62 -13.76
C LYS B 19 -0.90 15.16 -12.35
N ALA B 20 -1.99 14.41 -12.18
CA ALA B 20 -2.31 13.84 -10.89
C ALA B 20 -1.22 12.85 -10.43
N ASP B 21 -0.72 12.05 -11.37
CA ASP B 21 0.31 11.07 -11.02
C ASP B 21 1.62 11.78 -10.57
N SER B 22 2.04 12.83 -11.29
CA SER B 22 3.22 13.59 -10.85
C SER B 22 3.06 14.19 -9.46
N ALA B 23 1.90 14.75 -9.17
CA ALA B 23 1.66 15.30 -7.84
C ALA B 23 1.70 14.18 -6.78
N VAL B 24 1.06 13.05 -7.08
CA VAL B 24 1.04 11.92 -6.16
C VAL B 24 2.46 11.40 -5.88
N GLN B 25 3.29 11.31 -6.92
CA GLN B 25 4.70 10.92 -6.75
C GLN B 25 5.50 11.90 -5.89
N GLU B 26 5.26 13.19 -6.09
CA GLU B 26 5.94 14.23 -5.30
C GLU B 26 5.50 14.18 -3.84
N VAL B 27 4.21 13.96 -3.61
CA VAL B 27 3.69 13.87 -2.23
C VAL B 27 4.14 12.60 -1.49
N THR B 28 4.09 11.46 -2.19
CA THR B 28 4.20 10.14 -1.54
C THR B 28 5.43 9.35 -1.86
N GLY B 29 6.12 9.70 -2.95
CA GLY B 29 7.22 8.89 -3.45
C GLY B 29 6.80 7.73 -4.35
N LEU B 30 5.50 7.46 -4.46
CA LEU B 30 4.99 6.41 -5.35
C LEU B 30 4.04 6.99 -6.40
N ASP B 31 3.94 6.29 -7.55
CA ASP B 31 2.91 6.61 -8.53
C ASP B 31 1.55 6.05 -8.09
N ILE B 32 0.48 6.44 -8.76
CA ILE B 32 -0.87 6.02 -8.39
C ILE B 32 -1.00 4.49 -8.36
N LYS B 33 -0.43 3.84 -9.36
CA LYS B 33 -0.34 2.39 -9.41
C LYS B 33 0.36 1.77 -8.17
N GLY B 34 1.43 2.41 -7.72
CA GLY B 34 2.14 1.98 -6.52
C GLY B 34 1.34 2.12 -5.25
N ILE B 35 0.56 3.20 -5.15
CA ILE B 35 -0.31 3.44 -4.01
C ILE B 35 -1.36 2.32 -3.95
N CYS B 36 -1.96 2.00 -5.09
CA CYS B 36 -2.90 0.89 -5.19
C CYS B 36 -2.31 -0.46 -4.80
N LYS B 37 -1.11 -0.75 -5.28
CA LYS B 37 -0.40 -1.98 -4.93
C LYS B 37 -0.19 -2.15 -3.44
N ALA B 38 0.28 -1.08 -2.81
CA ALA B 38 0.55 -1.07 -1.36
C ALA B 38 -0.74 -1.19 -0.56
N LEU B 39 -1.78 -0.52 -1.04
CA LEU B 39 -3.08 -0.47 -0.37
C LEU B 39 -3.78 -1.81 -0.36
N TYR B 40 -3.81 -2.45 -1.53
CA TYR B 40 -4.62 -3.64 -1.69
C TYR B 40 -3.79 -4.90 -1.71
N GLY B 41 -2.48 -4.77 -1.87
CA GLY B 41 -1.61 -5.95 -2.00
C GLY B 41 -1.84 -6.74 -3.29
N THR B 42 -2.30 -6.08 -4.34
CA THR B 42 -2.59 -6.77 -5.59
C THR B 42 -1.74 -6.19 -6.72
N PHE B 43 -1.68 -6.93 -7.83
CA PHE B 43 -1.08 -6.47 -9.07
C PHE B 43 -1.91 -6.94 -10.26
N SER B 44 -1.80 -6.22 -11.37
CA SER B 44 -2.53 -6.53 -12.59
C SER B 44 -1.71 -7.42 -13.52
N SER B 45 -2.39 -8.33 -14.21
CA SER B 45 -1.82 -9.16 -15.27
C SER B 45 -2.63 -8.97 -16.54
N SER B 46 -2.87 -7.71 -16.91
CA SER B 46 -3.62 -7.39 -18.12
C SER B 46 -4.99 -8.05 -18.16
N GLU B 47 -5.71 -8.06 -17.04
CA GLU B 47 -7.08 -8.58 -17.02
C GLU B 47 -7.95 -7.83 -18.04
N LYS B 48 -8.87 -8.56 -18.65
CA LYS B 48 -9.70 -8.00 -19.69
C LYS B 48 -10.89 -7.27 -19.04
N VAL B 49 -11.01 -5.98 -19.31
CA VAL B 49 -12.03 -5.15 -18.67
C VAL B 49 -13.07 -4.72 -19.71
N GLY B 50 -14.31 -5.13 -19.48
CA GLY B 50 -15.42 -4.74 -20.34
C GLY B 50 -16.14 -3.53 -19.76
N ILE B 51 -16.18 -2.48 -20.54
CA ILE B 51 -16.78 -1.20 -20.14
C ILE B 51 -18.12 -1.08 -20.82
N VAL B 52 -19.18 -1.01 -20.01
CA VAL B 52 -20.55 -1.00 -20.51
C VAL B 52 -21.25 0.36 -20.37
N PRO B 53 -21.53 1.03 -21.51
CA PRO B 53 -22.32 2.26 -21.47
C PRO B 53 -23.74 1.99 -20.95
N VAL B 54 -24.25 2.92 -20.14
CA VAL B 54 -25.54 2.78 -19.52
C VAL B 54 -26.39 4.04 -19.79
N THR B 55 -27.59 3.84 -20.32
CA THR B 55 -28.50 4.90 -20.73
C THR B 55 -29.53 5.28 -19.65
N SER B 56 -29.45 4.66 -18.47
CA SER B 56 -30.51 4.85 -17.49
C SER B 56 -30.38 6.22 -16.85
N GLY B 57 -31.52 6.74 -16.36
CA GLY B 57 -31.55 8.07 -15.71
C GLY B 57 -31.09 9.21 -16.60
N ASN B 58 -30.16 10.02 -16.10
CA ASN B 58 -29.53 11.10 -16.87
C ASN B 58 -28.91 10.57 -18.19
N GLY B 59 -28.47 9.32 -18.18
CA GLY B 59 -28.08 8.65 -19.41
C GLY B 59 -26.60 8.65 -19.65
N ILE B 60 -26.22 8.38 -20.90
CA ILE B 60 -24.82 8.34 -21.27
C ILE B 60 -24.20 9.72 -21.12
N ILE B 61 -23.09 9.79 -20.39
CA ILE B 61 -22.34 11.03 -20.28
C ILE B 61 -21.24 11.06 -21.33
N GLY B 62 -21.23 12.12 -22.13
CA GLY B 62 -20.17 12.34 -23.13
C GLY B 62 -18.77 12.19 -22.52
N ASN B 63 -17.90 11.45 -23.21
CA ASN B 63 -16.51 11.21 -22.79
C ASN B 63 -16.34 10.21 -21.66
N PHE B 64 -17.44 9.71 -21.09
CA PHE B 64 -17.34 8.84 -19.93
C PHE B 64 -16.72 7.49 -20.30
N SER B 65 -17.31 6.80 -21.28
CA SER B 65 -16.81 5.48 -21.66
C SER B 65 -15.41 5.63 -22.26
N ALA B 66 -15.22 6.64 -23.11
CA ALA B 66 -13.88 6.90 -23.66
C ALA B 66 -12.87 7.12 -22.55
N SER B 67 -13.24 7.88 -21.54
CA SER B 67 -12.33 8.14 -20.42
C SER B 67 -11.97 6.87 -19.65
N LEU B 68 -12.94 6.04 -19.33
CA LEU B 68 -12.65 4.76 -18.70
C LEU B 68 -11.78 3.85 -19.57
N HIS B 69 -11.98 3.91 -20.88
CA HIS B 69 -11.17 3.18 -21.84
C HIS B 69 -9.68 3.58 -21.72
N ALA B 70 -9.43 4.88 -21.64
CA ALA B 70 -8.08 5.42 -21.54
C ALA B 70 -7.50 5.16 -20.15
N ILE B 71 -8.33 5.38 -19.13
CA ILE B 71 -7.92 5.15 -17.76
C ILE B 71 -7.48 3.70 -17.53
N THR B 72 -8.29 2.77 -17.98
CA THR B 72 -8.00 1.35 -17.77
C THR B 72 -6.72 0.90 -18.48
N GLN B 73 -6.51 1.37 -19.70
CA GLN B 73 -5.25 1.12 -20.45
C GLN B 73 -4.05 1.71 -19.68
N TYR B 74 -4.20 2.95 -19.21
CA TYR B 74 -3.18 3.63 -18.42
C TYR B 74 -2.72 2.80 -17.22
N PHE B 75 -3.65 2.11 -16.55
CA PHE B 75 -3.30 1.34 -15.37
C PHE B 75 -3.00 -0.13 -15.66
N GLY B 76 -2.82 -0.51 -16.93
CA GLY B 76 -2.29 -1.82 -17.29
C GLY B 76 -3.31 -2.90 -17.66
N PHE B 77 -4.53 -2.50 -18.00
CA PHE B 77 -5.59 -3.48 -18.29
C PHE B 77 -5.92 -3.56 -19.78
N ASP B 78 -6.41 -4.72 -20.18
CA ASP B 78 -6.87 -5.00 -21.53
C ASP B 78 -8.36 -4.64 -21.63
N SER B 79 -8.65 -3.36 -21.86
CA SER B 79 -10.02 -2.89 -21.79
C SER B 79 -10.62 -2.74 -23.16
N PHE B 80 -11.94 -2.78 -23.20
CA PHE B 80 -12.71 -2.47 -24.37
C PHE B 80 -14.07 -1.92 -23.93
N VAL B 81 -14.72 -1.22 -24.85
CA VAL B 81 -16.02 -0.63 -24.65
C VAL B 81 -16.96 -1.34 -25.61
N THR B 82 -18.09 -1.82 -25.08
CA THR B 82 -19.09 -2.52 -25.86
C THR B 82 -19.85 -1.58 -26.83
N ASP B 83 -20.27 -2.12 -27.97
CA ASP B 83 -21.11 -1.42 -28.95
C ASP B 83 -22.47 -1.10 -28.37
N MET B 84 -23.08 -2.08 -27.71
CA MET B 84 -24.41 -1.90 -27.14
C MET B 84 -24.31 -1.41 -25.70
N PRO B 85 -25.31 -0.63 -25.25
CA PRO B 85 -25.41 -0.25 -23.86
C PRO B 85 -26.25 -1.24 -23.03
N ASP B 86 -26.30 -0.99 -21.72
CA ASP B 86 -27.26 -1.60 -20.79
C ASP B 86 -27.13 -3.12 -20.75
N VAL B 87 -28.24 -3.88 -20.72
CA VAL B 87 -28.18 -5.34 -20.62
C VAL B 87 -27.55 -5.99 -21.85
N SER B 88 -27.93 -5.50 -23.03
CA SER B 88 -27.34 -5.95 -24.28
C SER B 88 -25.82 -5.77 -24.25
N GLY B 89 -25.38 -4.62 -23.74
CA GLY B 89 -23.97 -4.32 -23.56
C GLY B 89 -23.27 -5.26 -22.58
N TYR B 90 -23.93 -5.57 -21.47
CA TYR B 90 -23.40 -6.50 -20.47
C TYR B 90 -23.20 -7.88 -21.11
N TYR B 91 -24.20 -8.32 -21.86
CA TYR B 91 -24.14 -9.57 -22.60
C TYR B 91 -22.93 -9.59 -23.53
N GLU B 92 -22.83 -8.57 -24.35
CA GLU B 92 -21.71 -8.41 -25.27
C GLU B 92 -20.35 -8.47 -24.54
N ALA B 93 -20.27 -7.80 -23.39
CA ALA B 93 -19.04 -7.76 -22.62
C ALA B 93 -18.60 -9.17 -22.18
N VAL B 94 -19.55 -9.91 -21.59
CA VAL B 94 -19.27 -11.25 -21.05
C VAL B 94 -18.93 -12.24 -22.18
N GLN B 95 -19.71 -12.16 -23.25
CA GLN B 95 -19.49 -12.96 -24.45
C GLN B 95 -18.12 -12.68 -25.10
N ASN B 96 -17.65 -11.43 -25.03
CA ASN B 96 -16.33 -11.09 -25.59
C ASN B 96 -15.17 -11.28 -24.61
N GLY B 97 -15.39 -11.99 -23.50
CA GLY B 97 -14.31 -12.42 -22.63
C GLY B 97 -13.92 -11.48 -21.50
N ALA B 98 -14.75 -10.49 -21.19
CA ALA B 98 -14.46 -9.61 -20.09
C ALA B 98 -14.33 -10.41 -18.78
N GLU B 99 -13.28 -10.11 -18.03
CA GLU B 99 -13.06 -10.70 -16.72
C GLU B 99 -13.53 -9.75 -15.60
N ILE B 100 -13.53 -8.47 -15.89
CA ILE B 100 -14.03 -7.45 -14.98
C ILE B 100 -15.00 -6.57 -15.75
N ILE B 101 -16.16 -6.31 -15.15
CA ILE B 101 -17.16 -5.47 -15.76
C ILE B 101 -17.10 -4.13 -15.06
N LEU B 102 -17.10 -3.07 -15.84
CA LEU B 102 -17.10 -1.70 -15.34
C LEU B 102 -18.32 -1.00 -15.94
N MET B 103 -19.22 -0.53 -15.07
CA MET B 103 -20.44 0.16 -15.46
C MET B 103 -21.03 1.04 -14.34
N ALA B 104 -21.75 2.07 -14.75
CA ALA B 104 -22.29 3.05 -13.81
C ALA B 104 -23.63 3.56 -14.26
N ASP B 105 -24.57 3.63 -13.31
CA ASP B 105 -25.77 4.45 -13.49
C ASP B 105 -25.56 5.72 -12.65
N ASP B 106 -26.62 6.50 -12.44
CA ASP B 106 -26.52 7.78 -11.76
C ASP B 106 -26.21 7.66 -10.28
N ARG B 107 -26.39 6.47 -9.69
CA ARG B 107 -26.21 6.27 -8.25
C ARG B 107 -25.06 5.37 -7.86
N THR B 108 -24.68 4.45 -8.75
CA THR B 108 -23.67 3.43 -8.48
C THR B 108 -22.75 3.26 -9.70
N PHE B 109 -21.44 3.31 -9.43
CA PHE B 109 -20.40 2.99 -10.41
C PHE B 109 -19.64 1.83 -9.76
N LEU B 110 -19.60 0.68 -10.44
CA LEU B 110 -19.02 -0.51 -9.88
C LEU B 110 -18.05 -1.19 -10.82
N ALA B 111 -17.20 -2.03 -10.22
CA ALA B 111 -16.35 -2.97 -10.93
C ALA B 111 -16.61 -4.36 -10.37
N HIS B 112 -16.90 -5.31 -11.25
CA HIS B 112 -17.21 -6.65 -10.82
C HIS B 112 -16.23 -7.62 -11.49
N ASN B 113 -15.37 -8.20 -10.66
CA ASN B 113 -14.43 -9.22 -11.12
C ASN B 113 -15.18 -10.57 -11.17
N LEU B 114 -15.50 -11.03 -12.37
CA LEU B 114 -16.22 -12.27 -12.59
C LEU B 114 -15.38 -13.51 -12.26
N LYS B 115 -14.06 -13.35 -12.21
CA LYS B 115 -13.19 -14.49 -11.91
C LYS B 115 -13.22 -14.88 -10.44
N ASN B 116 -13.20 -13.90 -9.55
CA ASN B 116 -13.14 -14.19 -8.11
C ASN B 116 -14.35 -13.68 -7.34
N GLY B 117 -15.32 -13.07 -8.04
CA GLY B 117 -16.54 -12.60 -7.41
C GLY B 117 -16.46 -11.29 -6.65
N LYS B 118 -15.30 -10.63 -6.64
CA LYS B 118 -15.16 -9.37 -5.87
C LYS B 118 -15.80 -8.23 -6.63
N MET B 119 -16.42 -7.32 -5.88
CA MET B 119 -17.10 -6.19 -6.46
C MET B 119 -16.78 -4.94 -5.65
N ALA B 120 -16.55 -3.84 -6.37
CA ALA B 120 -16.16 -2.59 -5.77
C ALA B 120 -17.20 -1.52 -6.09
N ASN B 121 -17.45 -0.65 -5.12
CA ASN B 121 -18.25 0.55 -5.29
C ASN B 121 -17.32 1.75 -5.37
N ASN B 122 -17.54 2.62 -6.35
CA ASN B 122 -16.71 3.81 -6.57
C ASN B 122 -16.52 4.74 -5.36
N GLN B 123 -17.58 4.88 -4.56
CA GLN B 123 -17.61 5.87 -3.48
C GLN B 123 -16.61 5.52 -2.37
N PRO B 124 -16.75 4.35 -1.72
CA PRO B 124 -15.69 4.06 -0.73
C PRO B 124 -14.30 3.87 -1.34
N CYS B 125 -14.22 3.30 -2.54
CA CYS B 125 -12.92 3.13 -3.21
C CYS B 125 -12.22 4.45 -3.49
N THR B 126 -13.00 5.45 -3.90
CA THR B 126 -12.47 6.79 -4.08
C THR B 126 -12.08 7.43 -2.75
N GLY B 127 -12.93 7.30 -1.74
CA GLY B 127 -12.65 7.91 -0.45
C GLY B 127 -11.39 7.34 0.15
N ILE B 128 -11.27 6.02 0.12
CA ILE B 128 -10.10 5.35 0.68
C ILE B 128 -8.78 5.73 -0.02
N ILE B 129 -8.74 5.75 -1.35
CA ILE B 129 -7.46 6.00 -2.03
C ILE B 129 -7.00 7.47 -1.88
N TYR B 130 -7.94 8.42 -1.98
CA TYR B 130 -7.56 9.82 -1.77
C TYR B 130 -7.09 10.04 -0.32
N ALA B 131 -7.72 9.38 0.63
CA ALA B 131 -7.29 9.49 2.02
C ALA B 131 -5.94 8.81 2.26
N GLU B 132 -5.71 7.69 1.57
CA GLU B 132 -4.44 6.98 1.59
C GLU B 132 -3.31 7.85 1.05
N ILE B 133 -3.57 8.52 -0.06
CA ILE B 133 -2.59 9.42 -0.66
C ILE B 133 -2.23 10.52 0.34
N ALA B 134 -3.24 11.14 0.94
CA ALA B 134 -3.01 12.21 1.89
C ALA B 134 -2.20 11.71 3.09
N SER B 135 -2.55 10.54 3.60
CA SER B 135 -1.87 9.94 4.76
C SER B 135 -0.41 9.62 4.49
N ARG B 136 -0.02 9.57 3.23
CA ARG B 136 1.35 9.16 2.85
C ARG B 136 2.21 10.35 2.43
N TYR B 137 1.77 11.54 2.77
CA TYR B 137 2.55 12.74 2.54
C TYR B 137 3.78 12.70 3.44
N LEU B 138 4.93 12.40 2.85
CA LEU B 138 6.20 12.22 3.56
C LEU B 138 6.61 13.43 4.40
N LYS B 139 6.39 14.64 3.90
CA LYS B 139 6.85 15.84 4.61
C LYS B 139 5.79 16.46 5.53
N ALA B 140 4.72 15.74 5.83
CA ALA B 140 3.64 16.28 6.65
C ALA B 140 4.13 16.80 8.03
N ASP B 141 4.98 16.01 8.69
CA ASP B 141 5.41 16.30 10.05
C ASP B 141 4.21 16.63 10.96
N SER B 142 3.18 15.77 10.89
CA SER B 142 1.96 15.90 11.67
C SER B 142 1.06 14.68 11.44
N LYS B 143 0.41 14.20 12.49
CA LYS B 143 -0.61 13.16 12.36
C LYS B 143 -2.02 13.75 12.36
N ASP B 144 -2.12 15.08 12.26
CA ASP B 144 -3.42 15.77 12.19
C ASP B 144 -3.86 15.93 10.74
N VAL B 145 -5.06 15.48 10.45
CA VAL B 145 -5.63 15.65 9.12
C VAL B 145 -7.01 16.26 9.24
N LEU B 146 -7.32 17.20 8.34
CA LEU B 146 -8.67 17.76 8.24
C LEU B 146 -9.46 17.06 7.13
N VAL B 147 -10.65 16.58 7.45
CA VAL B 147 -11.61 15.99 6.49
C VAL B 147 -12.87 16.87 6.37
N VAL B 148 -13.10 17.40 5.17
CA VAL B 148 -14.27 18.26 4.88
C VAL B 148 -15.19 17.54 3.90
N GLY B 149 -16.36 17.12 4.39
CA GLY B 149 -17.28 16.25 3.65
C GLY B 149 -17.23 14.83 4.20
N LEU B 150 -18.34 14.38 4.79
CA LEU B 150 -18.38 13.07 5.40
C LEU B 150 -19.54 12.25 4.85
N GLY B 151 -19.75 12.35 3.53
CA GLY B 151 -20.77 11.61 2.83
C GLY B 151 -20.26 10.27 2.33
N LYS B 152 -20.77 9.84 1.18
CA LYS B 152 -20.47 8.50 0.69
C LYS B 152 -19.01 8.29 0.31
N VAL B 153 -18.35 9.37 -0.12
CA VAL B 153 -16.91 9.36 -0.38
C VAL B 153 -16.12 9.73 0.89
N GLY B 154 -16.51 10.83 1.51
CA GLY B 154 -15.78 11.38 2.63
C GLY B 154 -15.69 10.49 3.85
N PHE B 155 -16.78 9.81 4.19
CA PHE B 155 -16.85 9.01 5.40
C PHE B 155 -15.93 7.79 5.37
N PRO B 156 -16.00 6.96 4.30
CA PRO B 156 -15.01 5.88 4.16
C PRO B 156 -13.58 6.37 4.22
N GLY B 157 -13.32 7.54 3.64
CA GLY B 157 -12.01 8.16 3.72
C GLY B 157 -11.56 8.49 5.14
N ALA B 158 -12.47 9.10 5.92
CA ALA B 158 -12.17 9.45 7.31
C ALA B 158 -11.93 8.19 8.15
N GLU B 159 -12.73 7.16 7.91
CA GLU B 159 -12.57 5.86 8.57
C GLU B 159 -11.20 5.24 8.28
N HIS B 160 -10.75 5.33 7.03
CA HIS B 160 -9.43 4.81 6.65
C HIS B 160 -8.33 5.51 7.42
N LEU B 161 -8.46 6.83 7.53
CA LEU B 161 -7.49 7.64 8.28
C LEU B 161 -7.54 7.29 9.77
N VAL B 162 -8.74 7.13 10.32
CA VAL B 162 -8.87 6.73 11.71
C VAL B 162 -8.14 5.40 11.92
N GLN B 163 -8.39 4.44 11.04
CA GLN B 163 -7.78 3.11 11.12
C GLN B 163 -6.25 3.12 10.98
N LYS B 164 -5.68 4.17 10.40
CA LYS B 164 -4.22 4.33 10.28
C LYS B 164 -3.66 5.21 11.41
N ASP B 165 -4.45 5.39 12.46
CA ASP B 165 -4.04 6.07 13.70
C ASP B 165 -3.73 7.55 13.52
N PHE B 166 -4.34 8.18 12.53
CA PHE B 166 -4.23 9.62 12.39
C PHE B 166 -5.19 10.29 13.36
N ARG B 167 -4.87 11.53 13.73
CA ARG B 167 -5.82 12.35 14.48
C ARG B 167 -6.71 13.11 13.50
N VAL B 168 -7.94 12.65 13.34
CA VAL B 168 -8.81 13.14 12.29
C VAL B 168 -9.77 14.20 12.83
N TYR B 169 -9.68 15.40 12.25
CA TYR B 169 -10.65 16.46 12.47
C TYR B 169 -11.64 16.48 11.31
N GLY B 170 -12.95 16.46 11.61
CA GLY B 170 -13.96 16.38 10.58
C GLY B 170 -14.99 17.50 10.59
N TYR B 171 -15.42 17.89 9.40
CA TYR B 171 -16.49 18.85 9.27
C TYR B 171 -17.39 18.48 8.10
N ASP B 172 -18.70 18.56 8.33
CA ASP B 172 -19.69 18.52 7.29
C ASP B 172 -20.73 19.63 7.58
N ALA B 173 -21.33 20.19 6.53
CA ALA B 173 -22.37 21.21 6.67
C ALA B 173 -23.68 20.60 7.19
N ASP B 174 -23.87 19.31 6.97
CA ASP B 174 -24.97 18.59 7.56
C ASP B 174 -24.58 18.14 8.97
N GLU B 175 -25.23 18.73 9.98
CA GLU B 175 -24.87 18.48 11.38
C GLU B 175 -25.16 17.06 11.87
N THR B 176 -26.21 16.43 11.34
CA THR B 176 -26.52 15.05 11.71
C THR B 176 -25.49 14.10 11.18
N LEU B 177 -24.98 14.39 9.99
CA LEU B 177 -23.90 13.62 9.38
C LEU B 177 -22.65 13.77 10.26
N LEU B 178 -22.36 15.01 10.65
CA LEU B 178 -21.18 15.30 11.47
C LEU B 178 -21.24 14.57 12.81
N GLU B 179 -22.44 14.50 13.37
CA GLU B 179 -22.66 13.80 14.65
C GLU B 179 -22.51 12.29 14.47
N ARG B 180 -23.11 11.76 13.41
CA ARG B 180 -22.97 10.34 13.08
C ARG B 180 -21.51 9.94 13.02
N ALA B 181 -20.72 10.75 12.31
CA ALA B 181 -19.31 10.47 12.09
C ALA B 181 -18.50 10.51 13.38
N THR B 182 -18.68 11.56 14.17
CA THR B 182 -18.00 11.68 15.46
C THR B 182 -18.33 10.51 16.38
N SER B 183 -19.59 10.14 16.45
CA SER B 183 -20.02 9.05 17.33
C SER B 183 -19.54 7.69 16.82
N ASN B 184 -19.68 7.44 15.52
CA ASN B 184 -19.27 6.15 14.94
C ASN B 184 -17.76 6.01 14.76
N LEU B 185 -17.07 7.10 14.46
CA LEU B 185 -15.64 7.03 14.11
C LEU B 185 -14.72 7.59 15.17
N GLY B 186 -15.26 8.37 16.09
CA GLY B 186 -14.46 8.96 17.17
C GLY B 186 -13.64 10.16 16.73
N ILE B 187 -13.98 10.73 15.58
CA ILE B 187 -13.26 11.90 15.06
C ILE B 187 -13.63 13.15 15.84
N ILE B 188 -12.77 14.15 15.77
CA ILE B 188 -12.99 15.41 16.42
C ILE B 188 -13.75 16.36 15.50
N PRO B 189 -14.89 16.89 15.96
CA PRO B 189 -15.59 17.86 15.11
C PRO B 189 -14.80 19.15 14.99
N PHE B 190 -14.53 19.58 13.77
CA PHE B 190 -13.77 20.80 13.52
C PHE B 190 -14.69 22.00 13.57
N ASP B 191 -14.35 22.98 14.41
CA ASP B 191 -15.12 24.20 14.52
C ASP B 191 -14.57 25.24 13.55
N PRO B 192 -15.37 25.61 12.54
CA PRO B 192 -14.88 26.62 11.59
C PRO B 192 -14.59 27.97 12.26
N ALA B 193 -15.28 28.28 13.35
CA ALA B 193 -15.06 29.52 14.12
C ALA B 193 -13.77 29.50 14.96
N ASN B 194 -13.23 28.31 15.22
CA ASN B 194 -11.95 28.15 15.91
C ASN B 194 -10.98 27.28 15.09
N PRO B 195 -10.51 27.80 13.95
CA PRO B 195 -9.70 27.01 13.02
C PRO B 195 -8.25 26.89 13.42
N LYS B 196 -7.62 25.79 13.02
CA LYS B 196 -6.16 25.60 13.16
C LYS B 196 -5.60 25.25 11.79
N LYS B 197 -4.28 25.28 11.68
CA LYS B 197 -3.62 24.97 10.43
C LYS B 197 -3.35 23.46 10.30
N PHE B 198 -3.45 22.96 9.06
CA PHE B 198 -3.16 21.57 8.75
C PHE B 198 -2.16 21.48 7.63
N SER B 199 -1.32 20.45 7.67
CA SER B 199 -0.46 20.12 6.54
C SER B 199 -1.09 19.00 5.67
N ILE B 200 -2.14 18.35 6.19
CA ILE B 200 -2.86 17.28 5.48
C ILE B 200 -4.37 17.53 5.48
N ILE B 201 -4.95 17.68 4.29
CA ILE B 201 -6.38 17.95 4.13
C ILE B 201 -6.98 17.07 3.05
N PHE B 202 -8.14 16.48 3.34
CA PHE B 202 -8.87 15.61 2.43
C PHE B 202 -10.28 16.17 2.32
N GLU B 203 -10.71 16.56 1.12
CA GLU B 203 -12.03 17.17 0.93
C GLU B 203 -12.85 16.37 -0.06
N ALA B 204 -14.09 16.04 0.30
CA ALA B 204 -14.99 15.35 -0.62
C ALA B 204 -16.39 15.94 -0.59
N THR B 205 -16.55 17.10 -1.22
CA THR B 205 -17.86 17.71 -1.40
C THR B 205 -18.03 18.14 -2.83
N PRO B 206 -19.27 18.41 -3.27
CA PRO B 206 -19.47 18.92 -4.63
C PRO B 206 -19.43 20.45 -4.73
N CYS B 207 -18.78 21.13 -3.77
CA CYS B 207 -18.83 22.60 -3.68
C CYS B 207 -17.46 23.27 -3.75
N ALA B 208 -17.41 24.43 -4.40
CA ALA B 208 -16.20 25.25 -4.46
C ALA B 208 -15.90 25.93 -3.11
N ASN B 209 -14.66 26.35 -2.92
CA ASN B 209 -14.24 27.17 -1.76
C ASN B 209 -14.68 26.66 -0.40
N THR B 210 -14.52 25.36 -0.15
CA THR B 210 -14.91 24.77 1.13
C THR B 210 -13.75 24.75 2.11
N ILE B 211 -12.54 25.02 1.62
CA ILE B 211 -11.35 25.02 2.46
C ILE B 211 -10.93 26.47 2.72
N PRO B 212 -11.21 26.97 3.95
CA PRO B 212 -10.88 28.36 4.27
C PRO B 212 -9.37 28.60 4.39
N GLU B 213 -8.95 29.81 4.04
CA GLU B 213 -7.54 30.22 4.12
C GLU B 213 -6.92 29.93 5.50
N ALA B 214 -7.69 30.07 6.57
CA ALA B 214 -7.18 29.91 7.94
C ALA B 214 -6.68 28.48 8.23
N VAL B 215 -7.12 27.53 7.43
CA VAL B 215 -6.79 26.12 7.63
C VAL B 215 -5.49 25.73 6.89
N LEU B 216 -5.08 26.55 5.93
CA LEU B 216 -3.96 26.22 5.07
C LEU B 216 -2.61 26.51 5.71
N SER B 217 -1.61 25.73 5.33
CA SER B 217 -0.24 26.01 5.71
C SER B 217 0.63 25.77 4.48
N GLU B 218 1.81 26.36 4.49
CA GLU B 218 2.71 26.30 3.34
C GLU B 218 2.95 24.87 2.90
N ASN B 219 2.76 24.62 1.61
CA ASN B 219 2.99 23.31 1.00
C ASN B 219 2.15 22.16 1.56
N CYS B 220 1.00 22.47 2.15
CA CYS B 220 0.13 21.42 2.65
C CYS B 220 -0.43 20.60 1.48
N VAL B 221 -0.76 19.34 1.75
CA VAL B 221 -1.38 18.51 0.74
C VAL B 221 -2.89 18.66 0.87
N LEU B 222 -3.53 18.93 -0.26
CA LEU B 222 -4.98 18.90 -0.39
C LEU B 222 -5.36 17.79 -1.37
N SER B 223 -5.88 16.69 -0.81
CA SER B 223 -6.28 15.53 -1.58
C SER B 223 -7.79 15.51 -1.69
N THR B 224 -8.31 15.75 -2.90
CA THR B 224 -9.75 15.97 -3.04
C THR B 224 -10.33 15.37 -4.32
N PRO B 225 -11.26 14.42 -4.18
CA PRO B 225 -12.00 13.95 -5.33
C PRO B 225 -13.18 14.85 -5.66
N GLY B 226 -13.51 15.78 -4.76
CA GLY B 226 -14.65 16.66 -4.96
C GLY B 226 -14.54 17.49 -6.22
N ILE B 227 -15.69 17.80 -6.81
CA ILE B 227 -15.77 18.57 -8.05
C ILE B 227 -16.89 19.61 -7.93
N PRO B 228 -16.62 20.91 -8.21
CA PRO B 228 -15.35 21.52 -8.67
C PRO B 228 -14.27 21.63 -7.56
N CYS B 229 -13.16 22.30 -7.85
CA CYS B 229 -12.06 22.39 -6.89
C CYS B 229 -12.43 23.11 -5.59
N ALA B 230 -11.94 22.56 -4.48
CA ALA B 230 -12.24 23.03 -3.12
C ALA B 230 -11.51 24.31 -2.71
N ILE B 231 -10.46 24.69 -3.45
CA ILE B 231 -9.79 25.97 -3.23
C ILE B 231 -9.61 26.72 -4.54
N SER B 232 -9.53 28.03 -4.43
CA SER B 232 -9.27 28.90 -5.57
C SER B 232 -7.83 28.71 -6.04
N GLU B 233 -7.61 28.98 -7.33
CA GLU B 233 -6.26 29.13 -7.86
C GLU B 233 -5.43 30.04 -6.96
N GLU B 234 -6.01 31.18 -6.61
CA GLU B 234 -5.34 32.17 -5.77
C GLU B 234 -4.73 31.56 -4.52
N LEU B 235 -5.57 30.96 -3.67
CA LEU B 235 -5.11 30.33 -2.42
C LEU B 235 -4.17 29.16 -2.69
N ARG B 236 -4.42 28.44 -3.78
CA ARG B 236 -3.56 27.33 -4.15
C ARG B 236 -2.11 27.80 -4.40
N ASP B 237 -1.96 28.86 -5.18
CA ASP B 237 -0.65 29.44 -5.46
C ASP B 237 -0.01 30.03 -4.20
N LYS B 238 -0.76 30.90 -3.53
CA LYS B 238 -0.28 31.59 -2.32
C LYS B 238 0.41 30.64 -1.34
N TYR B 239 -0.23 29.52 -1.04
CA TYR B 239 0.29 28.58 -0.07
C TYR B 239 1.04 27.41 -0.70
N GLU B 240 1.30 27.50 -2.01
CA GLU B 240 2.01 26.44 -2.74
C GLU B 240 1.39 25.08 -2.41
N VAL B 241 0.07 24.98 -2.51
CA VAL B 241 -0.64 23.78 -2.09
C VAL B 241 -0.32 22.62 -3.04
N GLN B 242 0.01 21.48 -2.47
CA GLN B 242 0.14 20.24 -3.23
C GLN B 242 -1.25 19.62 -3.42
N LEU B 243 -1.84 19.92 -4.57
CA LEU B 243 -3.21 19.57 -4.92
C LEU B 243 -3.21 18.19 -5.61
N ILE B 244 -3.98 17.25 -5.07
CA ILE B 244 -4.28 15.98 -5.75
C ILE B 244 -5.75 15.99 -6.07
N ALA B 245 -6.09 16.16 -7.35
CA ALA B 245 -7.48 16.31 -7.76
C ALA B 245 -7.66 15.89 -9.21
N GLU B 246 -8.56 14.95 -9.43
CA GLU B 246 -8.69 14.31 -10.73
C GLU B 246 -10.09 13.64 -10.74
N PRO B 247 -10.82 13.72 -11.88
CA PRO B 247 -12.27 13.47 -11.85
C PRO B 247 -12.79 12.05 -11.90
N LEU B 248 -11.92 11.07 -12.19
CA LEU B 248 -12.41 9.71 -12.47
C LEU B 248 -11.34 8.62 -12.36
N GLY B 249 -10.15 8.89 -12.87
CA GLY B 249 -9.08 7.86 -12.97
C GLY B 249 -8.52 7.26 -11.68
N ILE B 250 -8.24 8.09 -10.69
CA ILE B 250 -7.66 7.60 -9.43
C ILE B 250 -8.66 6.68 -8.73
N GLY B 251 -9.92 7.10 -8.72
CA GLY B 251 -11.00 6.32 -8.12
C GLY B 251 -11.21 4.98 -8.82
N THR B 252 -11.13 5.01 -10.15
CA THR B 252 -11.26 3.82 -10.96
C THR B 252 -10.13 2.84 -10.69
N ALA B 253 -8.90 3.35 -10.63
CA ALA B 253 -7.73 2.50 -10.29
C ALA B 253 -7.93 1.80 -8.96
N SER B 254 -8.45 2.53 -7.97
CA SER B 254 -8.72 1.98 -6.64
C SER B 254 -9.78 0.85 -6.73
N MET B 255 -10.85 1.10 -7.50
CA MET B 255 -11.85 0.05 -7.71
C MET B 255 -11.25 -1.25 -8.29
N LEU B 256 -10.45 -1.10 -9.34
CA LEU B 256 -9.88 -2.24 -10.07
C LEU B 256 -8.85 -3.00 -9.26
N TYR B 257 -7.97 -2.32 -8.55
CA TYR B 257 -6.98 -3.01 -7.73
C TYR B 257 -7.64 -3.71 -6.53
N SER B 258 -8.69 -3.10 -5.99
CA SER B 258 -9.44 -3.74 -4.91
C SER B 258 -10.14 -5.04 -5.31
N VAL B 259 -10.44 -5.24 -6.59
CA VAL B 259 -11.11 -6.49 -6.96
C VAL B 259 -10.19 -7.57 -7.53
N LEU B 260 -8.88 -7.27 -7.64
CA LEU B 260 -7.93 -8.20 -8.22
C LEU B 260 -7.63 -9.33 -7.25
N SER C 1 -23.74 17.53 -12.48
CA SER C 1 -24.34 18.28 -13.63
C SER C 1 -25.61 19.02 -13.24
N MET C 2 -26.47 18.37 -12.45
CA MET C 2 -27.82 18.87 -12.19
C MET C 2 -28.10 19.12 -10.72
N ALA C 3 -28.69 20.29 -10.44
CA ALA C 3 -29.24 20.60 -9.11
C ALA C 3 -30.75 20.37 -9.10
N LEU C 4 -31.15 19.10 -8.95
CA LEU C 4 -32.56 18.71 -8.97
C LEU C 4 -33.14 18.44 -7.57
N LEU C 5 -34.44 18.68 -7.41
CA LEU C 5 -35.14 18.40 -6.17
C LEU C 5 -35.18 16.90 -5.90
N THR C 6 -35.10 16.53 -4.62
CA THR C 6 -35.41 15.17 -4.18
C THR C 6 -36.79 15.22 -3.54
N PRO C 7 -37.46 14.06 -3.43
CA PRO C 7 -38.78 14.02 -2.76
C PRO C 7 -38.80 14.58 -1.33
N ASP C 8 -37.71 14.41 -0.59
CA ASP C 8 -37.58 14.93 0.77
C ASP C 8 -37.74 16.44 0.85
N ASP C 9 -37.24 17.15 -0.17
CA ASP C 9 -37.36 18.62 -0.23
C ASP C 9 -38.82 19.10 -0.25
N LEU C 10 -39.73 18.26 -0.74
CA LEU C 10 -41.10 18.67 -1.01
C LEU C 10 -42.13 18.16 0.02
N ILE C 11 -41.66 17.52 1.10
CA ILE C 11 -42.55 17.00 2.13
C ILE C 11 -43.39 18.12 2.76
N ASN C 12 -44.70 17.88 2.85
CA ASN C 12 -45.66 18.87 3.35
C ASN C 12 -45.43 20.25 2.73
N ILE C 13 -45.50 20.32 1.41
CA ILE C 13 -45.22 21.56 0.69
C ILE C 13 -46.18 22.68 1.11
N ASN C 14 -47.40 22.33 1.52
CA ASN C 14 -48.38 23.31 1.99
C ASN C 14 -47.88 24.15 3.16
N MET C 15 -47.33 23.48 4.18
CA MET C 15 -46.88 24.21 5.37
C MET C 15 -45.61 24.99 5.05
N GLN C 16 -44.69 24.40 4.27
CA GLN C 16 -43.52 25.13 3.76
C GLN C 16 -43.95 26.44 3.10
N LEU C 17 -45.02 26.37 2.30
CA LEU C 17 -45.52 27.54 1.58
C LEU C 17 -46.18 28.56 2.52
N GLN C 18 -46.96 28.08 3.50
CA GLN C 18 -47.56 28.97 4.50
C GLN C 18 -46.51 29.72 5.30
N LYS C 19 -45.45 29.01 5.68
CA LYS C 19 -44.37 29.59 6.47
C LYS C 19 -43.63 30.62 5.61
N ALA C 20 -43.41 30.29 4.34
CA ALA C 20 -42.75 31.22 3.44
C ALA C 20 -43.61 32.46 3.20
N ASP C 21 -44.93 32.26 3.10
CA ASP C 21 -45.85 33.36 2.80
C ASP C 21 -45.87 34.36 3.96
N SER C 22 -45.93 33.85 5.19
CA SER C 22 -45.90 34.66 6.39
C SER C 22 -44.59 35.44 6.52
N ALA C 23 -43.47 34.77 6.22
CA ALA C 23 -42.15 35.40 6.24
C ALA C 23 -42.05 36.52 5.22
N VAL C 24 -42.57 36.29 4.02
CA VAL C 24 -42.55 37.29 2.96
C VAL C 24 -43.38 38.51 3.38
N GLN C 25 -44.53 38.28 4.02
CA GLN C 25 -45.36 39.37 4.57
C GLN C 25 -44.64 40.16 5.64
N GLU C 26 -43.95 39.46 6.54
CA GLU C 26 -43.17 40.10 7.60
C GLU C 26 -42.07 40.96 7.00
N VAL C 27 -41.42 40.46 5.97
CA VAL C 27 -40.29 41.14 5.35
C VAL C 27 -40.70 42.32 4.44
N THR C 28 -41.80 42.17 3.70
CA THR C 28 -42.16 43.12 2.63
C THR C 28 -43.49 43.86 2.84
N GLY C 29 -44.33 43.37 3.75
CA GLY C 29 -45.69 43.86 3.89
C GLY C 29 -46.66 43.24 2.89
N LEU C 30 -46.14 42.49 1.92
CA LEU C 30 -46.99 41.82 0.93
C LEU C 30 -46.80 40.32 1.08
N ASP C 31 -47.90 39.58 0.89
CA ASP C 31 -47.83 38.13 0.77
C ASP C 31 -47.36 37.79 -0.65
N ILE C 32 -47.13 36.50 -0.93
CA ILE C 32 -46.57 36.10 -2.22
C ILE C 32 -47.44 36.58 -3.39
N LYS C 33 -48.76 36.47 -3.26
CA LYS C 33 -49.69 37.05 -4.25
C LYS C 33 -49.43 38.54 -4.50
N GLY C 34 -49.26 39.28 -3.42
CA GLY C 34 -49.02 40.73 -3.50
C GLY C 34 -47.75 41.04 -4.27
N ILE C 35 -46.69 40.27 -3.99
CA ILE C 35 -45.41 40.43 -4.67
C ILE C 35 -45.60 40.15 -6.16
N CYS C 36 -46.34 39.09 -6.48
CA CYS C 36 -46.58 38.71 -7.87
C CYS C 36 -47.35 39.79 -8.60
N LYS C 37 -48.37 40.34 -7.92
CA LYS C 37 -49.14 41.48 -8.41
C LYS C 37 -48.24 42.68 -8.73
N ALA C 38 -47.37 43.02 -7.79
CA ALA C 38 -46.43 44.12 -7.95
C ALA C 38 -45.45 43.91 -9.10
N LEU C 39 -45.02 42.66 -9.31
CA LEU C 39 -44.10 42.35 -10.40
C LEU C 39 -44.79 42.42 -11.75
N TYR C 40 -45.94 41.76 -11.88
CA TYR C 40 -46.53 41.50 -13.20
C TYR C 40 -47.85 42.23 -13.44
N GLY C 41 -48.46 42.78 -12.40
CA GLY C 41 -49.74 43.49 -12.54
C GLY C 41 -50.89 42.57 -12.92
N THR C 42 -50.88 41.34 -12.42
CA THR C 42 -51.91 40.34 -12.78
C THR C 42 -52.54 39.72 -11.54
N PHE C 43 -53.69 39.08 -11.74
CA PHE C 43 -54.38 38.33 -10.68
C PHE C 43 -54.98 37.04 -11.25
N SER C 44 -55.10 36.01 -10.42
CA SER C 44 -55.64 34.73 -10.89
C SER C 44 -57.16 34.78 -10.98
N SER C 45 -57.72 34.03 -11.92
CA SER C 45 -59.16 33.92 -12.08
C SER C 45 -59.55 32.45 -12.21
N SER C 46 -59.02 31.62 -11.32
CA SER C 46 -59.24 30.18 -11.33
C SER C 46 -58.87 29.53 -12.67
N GLU C 47 -57.83 30.04 -13.33
CA GLU C 47 -57.38 29.46 -14.60
C GLU C 47 -57.09 27.98 -14.42
N LYS C 48 -57.40 27.19 -15.44
CA LYS C 48 -57.22 25.75 -15.37
C LYS C 48 -55.77 25.40 -15.73
N VAL C 49 -55.04 24.84 -14.77
CA VAL C 49 -53.63 24.50 -14.95
C VAL C 49 -53.46 22.99 -15.07
N GLY C 50 -52.92 22.52 -16.20
CA GLY C 50 -52.62 21.11 -16.41
C GLY C 50 -51.15 20.77 -16.13
N ILE C 51 -50.92 19.93 -15.13
CA ILE C 51 -49.58 19.52 -14.72
C ILE C 51 -49.23 18.19 -15.38
N VAL C 52 -48.21 18.20 -16.23
CA VAL C 52 -47.81 17.01 -16.99
C VAL C 52 -46.50 16.41 -16.43
N PRO C 53 -46.56 15.22 -15.82
CA PRO C 53 -45.31 14.55 -15.42
C PRO C 53 -44.43 14.24 -16.62
N VAL C 54 -43.12 14.26 -16.42
CA VAL C 54 -42.17 14.04 -17.52
C VAL C 54 -41.11 13.02 -17.11
N THR C 55 -40.98 11.96 -17.92
CA THR C 55 -40.12 10.82 -17.62
C THR C 55 -38.71 10.94 -18.21
N SER C 56 -38.44 11.99 -18.97
CA SER C 56 -37.15 12.10 -19.67
C SER C 56 -35.99 12.33 -18.70
N GLY C 57 -34.82 11.80 -19.05
CA GLY C 57 -33.61 11.93 -18.23
C GLY C 57 -33.80 11.29 -16.88
N ASN C 58 -33.43 12.03 -15.83
CA ASN C 58 -33.63 11.60 -14.44
C ASN C 58 -35.09 11.22 -14.15
N GLY C 59 -36.03 11.85 -14.85
CA GLY C 59 -37.40 11.38 -14.87
C GLY C 59 -38.28 11.95 -13.78
N ILE C 60 -39.35 11.23 -13.45
CA ILE C 60 -40.32 11.71 -12.47
C ILE C 60 -39.70 11.80 -11.08
N ILE C 61 -39.85 12.97 -10.46
CA ILE C 61 -39.41 13.17 -9.08
C ILE C 61 -40.63 13.03 -8.16
N GLY C 62 -40.51 12.19 -7.14
CA GLY C 62 -41.60 11.93 -6.20
C GLY C 62 -42.03 13.23 -5.54
N ASN C 63 -43.34 13.40 -5.38
CA ASN C 63 -43.95 14.61 -4.80
C ASN C 63 -43.93 15.85 -5.69
N PHE C 64 -43.28 15.80 -6.85
CA PHE C 64 -43.13 17.01 -7.68
C PHE C 64 -44.47 17.50 -8.24
N SER C 65 -45.16 16.66 -9.01
CA SER C 65 -46.47 17.04 -9.56
C SER C 65 -47.54 17.17 -8.46
N ALA C 66 -47.47 16.32 -7.43
CA ALA C 66 -48.35 16.50 -6.25
C ALA C 66 -48.12 17.85 -5.59
N SER C 67 -46.86 18.27 -5.48
CA SER C 67 -46.54 19.58 -4.91
C SER C 67 -46.99 20.73 -5.82
N LEU C 68 -46.78 20.58 -7.13
CA LEU C 68 -47.26 21.60 -8.06
C LEU C 68 -48.78 21.71 -7.97
N HIS C 69 -49.43 20.57 -7.76
CA HIS C 69 -50.88 20.53 -7.56
C HIS C 69 -51.26 21.34 -6.31
N ALA C 70 -50.63 21.06 -5.18
CA ALA C 70 -50.89 21.82 -3.93
C ALA C 70 -50.57 23.31 -4.05
N ILE C 71 -49.45 23.63 -4.72
CA ILE C 71 -49.04 25.02 -4.94
C ILE C 71 -50.06 25.81 -5.76
N THR C 72 -50.47 25.24 -6.89
CA THR C 72 -51.45 25.89 -7.77
C THR C 72 -52.80 26.08 -7.08
N GLN C 73 -53.21 25.11 -6.27
CA GLN C 73 -54.44 25.22 -5.47
C GLN C 73 -54.31 26.38 -4.49
N TYR C 74 -53.19 26.40 -3.78
CA TYR C 74 -52.88 27.44 -2.81
C TYR C 74 -53.04 28.85 -3.38
N PHE C 75 -52.59 29.06 -4.62
CA PHE C 75 -52.67 30.38 -5.26
C PHE C 75 -53.97 30.62 -6.05
N GLY C 76 -54.93 29.72 -5.90
CA GLY C 76 -56.28 29.92 -6.42
C GLY C 76 -56.50 29.45 -7.85
N PHE C 77 -55.64 28.56 -8.34
CA PHE C 77 -55.81 28.00 -9.67
C PHE C 77 -56.54 26.68 -9.63
N ASP C 78 -57.22 26.37 -10.72
CA ASP C 78 -57.93 25.11 -10.88
C ASP C 78 -57.01 24.10 -11.56
N SER C 79 -56.24 23.35 -10.77
CA SER C 79 -55.20 22.49 -11.33
C SER C 79 -55.53 21.01 -11.28
N PHE C 80 -54.86 20.27 -12.16
CA PHE C 80 -54.97 18.81 -12.18
C PHE C 80 -53.70 18.18 -12.74
N VAL C 81 -53.44 16.95 -12.32
CA VAL C 81 -52.30 16.18 -12.79
C VAL C 81 -52.79 15.13 -13.79
N THR C 82 -52.19 15.11 -14.96
CA THR C 82 -52.56 14.14 -15.99
C THR C 82 -52.12 12.74 -15.58
N ASP C 83 -52.91 11.74 -15.95
CA ASP C 83 -52.59 10.33 -15.67
C ASP C 83 -51.37 9.91 -16.46
N MET C 84 -51.32 10.27 -17.75
CA MET C 84 -50.20 9.94 -18.61
C MET C 84 -49.07 10.99 -18.50
N PRO C 85 -47.81 10.56 -18.73
CA PRO C 85 -46.70 11.50 -18.78
C PRO C 85 -46.35 11.92 -20.23
N ASP C 86 -45.38 12.83 -20.34
CA ASP C 86 -44.73 13.17 -21.61
C ASP C 86 -45.73 13.67 -22.67
N VAL C 87 -45.58 13.24 -23.93
CA VAL C 87 -46.42 13.75 -25.00
C VAL C 87 -47.87 13.32 -24.78
N SER C 88 -48.05 12.07 -24.34
CA SER C 88 -49.39 11.55 -24.03
C SER C 88 -50.08 12.37 -22.93
N GLY C 89 -49.32 12.78 -21.92
CA GLY C 89 -49.81 13.64 -20.86
C GLY C 89 -50.18 15.02 -21.37
N TYR C 90 -49.34 15.59 -22.22
CA TYR C 90 -49.59 16.89 -22.82
C TYR C 90 -50.91 16.85 -23.59
N TYR C 91 -51.09 15.79 -24.38
CA TYR C 91 -52.32 15.58 -25.14
C TYR C 91 -53.52 15.54 -24.19
N GLU C 92 -53.39 14.74 -23.13
CA GLU C 92 -54.40 14.62 -22.09
C GLU C 92 -54.74 15.97 -21.43
N ALA C 93 -53.71 16.75 -21.10
CA ALA C 93 -53.91 18.07 -20.48
C ALA C 93 -54.73 19.03 -21.35
N VAL C 94 -54.39 19.11 -22.64
CA VAL C 94 -55.06 20.01 -23.57
C VAL C 94 -56.50 19.53 -23.79
N GLN C 95 -56.66 18.23 -24.02
CA GLN C 95 -57.96 17.61 -24.21
C GLN C 95 -58.91 17.85 -23.04
N ASN C 96 -58.37 17.83 -21.81
CA ASN C 96 -59.18 18.03 -20.60
C ASN C 96 -59.37 19.50 -20.19
N GLY C 97 -59.01 20.44 -21.07
CA GLY C 97 -59.35 21.85 -20.89
C GLY C 97 -58.33 22.71 -20.14
N ALA C 98 -57.07 22.27 -20.10
CA ALA C 98 -56.02 23.06 -19.44
C ALA C 98 -55.76 24.34 -20.21
N GLU C 99 -55.68 25.45 -19.48
CA GLU C 99 -55.40 26.76 -20.07
C GLU C 99 -53.92 27.10 -19.97
N ILE C 100 -53.30 26.67 -18.88
CA ILE C 100 -51.87 26.78 -18.69
C ILE C 100 -51.30 25.37 -18.53
N ILE C 101 -50.20 25.09 -19.24
CA ILE C 101 -49.49 23.83 -19.12
C ILE C 101 -48.26 24.06 -18.26
N LEU C 102 -48.11 23.22 -17.24
CA LEU C 102 -46.97 23.28 -16.33
C LEU C 102 -46.25 21.93 -16.47
N MET C 103 -44.97 21.97 -16.84
CA MET C 103 -44.19 20.76 -17.03
C MET C 103 -42.68 21.07 -16.97
N ALA C 104 -41.89 20.07 -16.58
CA ALA C 104 -40.45 20.21 -16.43
C ALA C 104 -39.69 18.96 -16.86
N ASP C 105 -38.58 19.16 -17.58
CA ASP C 105 -37.57 18.14 -17.72
C ASP C 105 -36.37 18.56 -16.87
N ASP C 106 -35.26 17.82 -16.96
CA ASP C 106 -34.11 18.08 -16.08
C ASP C 106 -33.48 19.45 -16.25
N ARG C 107 -33.72 20.11 -17.38
CA ARG C 107 -33.10 21.40 -17.68
C ARG C 107 -34.06 22.59 -17.73
N THR C 108 -35.32 22.35 -18.05
CA THR C 108 -36.27 23.43 -18.24
C THR C 108 -37.56 23.10 -17.51
N PHE C 109 -38.04 24.04 -16.70
CA PHE C 109 -39.33 23.97 -16.06
C PHE C 109 -40.12 25.18 -16.53
N LEU C 110 -41.25 24.95 -17.22
CA LEU C 110 -41.99 26.02 -17.87
C LEU C 110 -43.49 26.06 -17.54
N ALA C 111 -44.05 27.26 -17.71
CA ALA C 111 -45.49 27.46 -17.74
C ALA C 111 -45.83 28.07 -19.10
N HIS C 112 -46.76 27.46 -19.81
CA HIS C 112 -47.22 27.98 -21.10
C HIS C 112 -48.72 28.28 -21.01
N ASN C 113 -49.06 29.56 -21.01
CA ASN C 113 -50.44 29.97 -21.08
C ASN C 113 -50.91 29.92 -22.53
N LEU C 114 -51.78 28.95 -22.82
CA LEU C 114 -52.33 28.76 -24.14
C LEU C 114 -53.32 29.86 -24.56
N LYS C 115 -53.85 30.60 -23.60
CA LYS C 115 -54.85 31.61 -23.89
C LYS C 115 -54.27 32.94 -24.38
N ASN C 116 -53.03 33.24 -24.03
CA ASN C 116 -52.39 34.47 -24.49
C ASN C 116 -51.01 34.28 -25.13
N GLY C 117 -50.55 33.04 -25.27
CA GLY C 117 -49.26 32.75 -25.88
C GLY C 117 -48.05 33.04 -25.02
N LYS C 118 -48.26 33.47 -23.78
CA LYS C 118 -47.14 33.77 -22.88
C LYS C 118 -46.54 32.50 -22.27
N MET C 119 -45.22 32.44 -22.22
CA MET C 119 -44.49 31.29 -21.70
C MET C 119 -43.39 31.75 -20.74
N ALA C 120 -43.31 31.10 -19.58
CA ALA C 120 -42.36 31.46 -18.53
C ALA C 120 -41.31 30.36 -18.31
N ASN C 121 -40.10 30.77 -17.96
CA ASN C 121 -39.03 29.86 -17.52
C ASN C 121 -38.79 30.00 -16.00
N ASN C 122 -38.76 28.86 -15.30
CA ASN C 122 -38.59 28.84 -13.85
C ASN C 122 -37.37 29.61 -13.34
N GLN C 123 -36.27 29.55 -14.09
CA GLN C 123 -35.02 30.15 -13.63
C GLN C 123 -35.05 31.67 -13.48
N PRO C 124 -35.37 32.41 -14.57
CA PRO C 124 -35.50 33.87 -14.43
C PRO C 124 -36.65 34.29 -13.52
N CYS C 125 -37.77 33.57 -13.59
CA CYS C 125 -38.92 33.87 -12.75
C CYS C 125 -38.62 33.74 -11.26
N THR C 126 -37.80 32.75 -10.92
CA THR C 126 -37.37 32.52 -9.54
C THR C 126 -36.37 33.59 -9.08
N GLY C 127 -35.34 33.82 -9.89
CA GLY C 127 -34.36 34.87 -9.60
C GLY C 127 -35.03 36.22 -9.34
N ILE C 128 -35.95 36.59 -10.23
CA ILE C 128 -36.64 37.90 -10.17
C ILE C 128 -37.49 38.04 -8.91
N ILE C 129 -38.34 37.08 -8.61
CA ILE C 129 -39.21 37.19 -7.42
C ILE C 129 -38.42 37.18 -6.11
N TYR C 130 -37.41 36.33 -6.01
CA TYR C 130 -36.58 36.31 -4.80
C TYR C 130 -35.81 37.63 -4.63
N ALA C 131 -35.32 38.17 -5.74
CA ALA C 131 -34.64 39.46 -5.74
C ALA C 131 -35.62 40.60 -5.41
N GLU C 132 -36.85 40.50 -5.90
CA GLU C 132 -37.90 41.49 -5.59
C GLU C 132 -38.23 41.50 -4.10
N ILE C 133 -38.34 40.32 -3.50
CA ILE C 133 -38.61 40.20 -2.07
C ILE C 133 -37.45 40.82 -1.27
N ALA C 134 -36.22 40.50 -1.66
CA ALA C 134 -35.05 41.08 -1.00
C ALA C 134 -35.13 42.60 -1.03
N SER C 135 -35.41 43.12 -2.23
CA SER C 135 -35.39 44.56 -2.46
C SER C 135 -36.41 45.32 -1.61
N ARG C 136 -37.51 44.65 -1.25
CA ARG C 136 -38.60 45.28 -0.53
C ARG C 136 -38.52 45.04 0.99
N TYR C 137 -37.35 44.62 1.48
CA TYR C 137 -37.17 44.47 2.91
C TYR C 137 -37.37 45.83 3.59
N LEU C 138 -38.36 45.88 4.49
CA LEU C 138 -38.83 47.16 5.05
C LEU C 138 -37.82 47.83 5.98
N LYS C 139 -37.08 47.02 6.74
CA LYS C 139 -36.09 47.56 7.70
C LYS C 139 -34.65 47.48 7.17
N ALA C 140 -34.49 47.68 5.86
CA ALA C 140 -33.19 47.61 5.23
C ALA C 140 -32.32 48.79 5.65
N ASP C 141 -32.80 50.00 5.40
CA ASP C 141 -32.04 51.24 5.69
C ASP C 141 -30.67 51.21 5.01
N SER C 142 -30.67 50.77 3.74
CA SER C 142 -29.48 50.74 2.89
C SER C 142 -29.91 50.20 1.52
N LYS C 143 -29.34 50.76 0.44
CA LYS C 143 -29.71 50.33 -0.91
C LYS C 143 -28.63 49.39 -1.51
N ASP C 144 -27.67 48.99 -0.67
CA ASP C 144 -26.64 48.03 -1.05
C ASP C 144 -27.17 46.61 -0.93
N VAL C 145 -26.89 45.77 -1.92
CA VAL C 145 -27.31 44.37 -1.88
C VAL C 145 -26.18 43.45 -2.35
N LEU C 146 -26.00 42.36 -1.63
CA LEU C 146 -25.04 41.33 -1.99
C LEU C 146 -25.78 40.20 -2.71
N VAL C 147 -25.27 39.81 -3.87
CA VAL C 147 -25.81 38.70 -4.64
C VAL C 147 -24.72 37.62 -4.79
N VAL C 148 -24.97 36.46 -4.21
CA VAL C 148 -24.02 35.33 -4.28
C VAL C 148 -24.58 34.26 -5.22
N GLY C 149 -23.88 34.00 -6.32
CA GLY C 149 -24.33 33.06 -7.33
C GLY C 149 -24.94 33.80 -8.49
N LEU C 150 -24.27 33.77 -9.65
CA LEU C 150 -24.67 34.56 -10.81
C LEU C 150 -24.99 33.68 -12.02
N GLY C 151 -25.63 32.54 -11.75
CA GLY C 151 -26.02 31.60 -12.79
C GLY C 151 -27.36 31.94 -13.38
N LYS C 152 -28.13 30.91 -13.71
CA LYS C 152 -29.39 31.07 -14.45
C LYS C 152 -30.47 31.71 -13.57
N VAL C 153 -30.37 31.51 -12.26
CA VAL C 153 -31.30 32.14 -11.31
C VAL C 153 -30.73 33.48 -10.82
N GLY C 154 -29.44 33.46 -10.45
CA GLY C 154 -28.79 34.64 -9.89
C GLY C 154 -28.60 35.82 -10.82
N PHE C 155 -28.21 35.55 -12.08
CA PHE C 155 -28.00 36.61 -13.06
C PHE C 155 -29.28 37.45 -13.28
N PRO C 156 -30.42 36.81 -13.60
CA PRO C 156 -31.65 37.60 -13.75
C PRO C 156 -32.07 38.37 -12.48
N GLY C 157 -31.75 37.82 -11.31
CA GLY C 157 -32.02 38.48 -10.04
C GLY C 157 -31.13 39.69 -9.82
N ALA C 158 -29.83 39.53 -10.09
CA ALA C 158 -28.93 40.66 -10.08
C ALA C 158 -29.42 41.76 -11.03
N GLU C 159 -29.78 41.36 -12.25
CA GLU C 159 -30.26 42.29 -13.28
C GLU C 159 -31.51 43.04 -12.85
N HIS C 160 -32.44 42.31 -12.21
CA HIS C 160 -33.66 42.92 -11.70
C HIS C 160 -33.34 43.96 -10.63
N LEU C 161 -32.40 43.64 -9.75
CA LEU C 161 -31.96 44.55 -8.70
C LEU C 161 -31.27 45.78 -9.27
N VAL C 162 -30.43 45.57 -10.29
CA VAL C 162 -29.79 46.68 -11.00
C VAL C 162 -30.84 47.61 -11.63
N GLN C 163 -31.81 47.01 -12.31
CA GLN C 163 -32.86 47.81 -12.96
C GLN C 163 -33.76 48.57 -11.98
N LYS C 164 -33.77 48.16 -10.71
CA LYS C 164 -34.49 48.89 -9.66
C LYS C 164 -33.58 49.88 -8.92
N ASP C 165 -32.43 50.18 -9.50
CA ASP C 165 -31.50 51.23 -9.04
C ASP C 165 -30.80 50.90 -7.72
N PHE C 166 -30.55 49.62 -7.44
CA PHE C 166 -29.82 49.23 -6.24
C PHE C 166 -28.31 49.27 -6.51
N ARG C 167 -27.53 49.29 -5.44
CA ARG C 167 -26.08 49.17 -5.55
C ARG C 167 -25.73 47.69 -5.36
N VAL C 168 -25.52 46.99 -6.47
CA VAL C 168 -25.42 45.53 -6.47
C VAL C 168 -23.97 45.04 -6.39
N TYR C 169 -23.65 44.38 -5.29
CA TYR C 169 -22.40 43.64 -5.14
C TYR C 169 -22.65 42.17 -5.51
N GLY C 170 -21.76 41.60 -6.33
CA GLY C 170 -21.96 40.25 -6.84
C GLY C 170 -20.73 39.36 -6.75
N TYR C 171 -20.92 38.13 -6.31
CA TYR C 171 -19.83 37.15 -6.24
C TYR C 171 -20.24 35.80 -6.81
N ASP C 172 -19.36 35.19 -7.57
CA ASP C 172 -19.54 33.81 -8.01
C ASP C 172 -18.17 33.12 -8.04
N ALA C 173 -18.11 31.90 -7.52
CA ALA C 173 -16.86 31.13 -7.44
C ALA C 173 -16.24 30.89 -8.81
N ASP C 174 -17.08 30.83 -9.83
CA ASP C 174 -16.63 30.84 -11.21
C ASP C 174 -16.25 32.27 -11.58
N GLU C 175 -14.95 32.53 -11.72
CA GLU C 175 -14.45 33.86 -12.12
C GLU C 175 -15.00 34.33 -13.47
N THR C 176 -15.15 33.41 -14.42
CA THR C 176 -15.67 33.73 -15.74
C THR C 176 -17.07 34.35 -15.65
N LEU C 177 -17.98 33.65 -14.97
CA LEU C 177 -19.35 34.15 -14.76
C LEU C 177 -19.37 35.53 -14.12
N LEU C 178 -18.44 35.76 -13.18
CA LEU C 178 -18.33 37.04 -12.48
C LEU C 178 -17.92 38.17 -13.43
N GLU C 179 -17.07 37.86 -14.41
CA GLU C 179 -16.70 38.83 -15.45
C GLU C 179 -17.91 39.16 -16.30
N ARG C 180 -18.57 38.12 -16.83
CA ARG C 180 -19.74 38.30 -17.67
C ARG C 180 -20.80 39.19 -17.01
N ALA C 181 -20.96 39.04 -15.69
CA ALA C 181 -21.96 39.81 -14.95
C ALA C 181 -21.52 41.26 -14.83
N THR C 182 -20.32 41.48 -14.29
CA THR C 182 -19.80 42.83 -14.07
C THR C 182 -19.78 43.65 -15.37
N SER C 183 -19.37 43.03 -16.47
CA SER C 183 -19.34 43.70 -17.77
C SER C 183 -20.74 43.96 -18.35
N ASN C 184 -21.63 42.97 -18.29
CA ASN C 184 -22.98 43.11 -18.86
C ASN C 184 -23.98 43.87 -17.99
N LEU C 185 -23.84 43.77 -16.67
CA LEU C 185 -24.78 44.40 -15.74
C LEU C 185 -24.22 45.62 -15.01
N GLY C 186 -22.89 45.76 -15.00
CA GLY C 186 -22.25 46.89 -14.30
C GLY C 186 -22.23 46.75 -12.79
N ILE C 187 -22.39 45.53 -12.29
CA ILE C 187 -22.35 45.27 -10.85
C ILE C 187 -20.93 45.40 -10.30
N ILE C 188 -20.82 45.60 -9.00
CA ILE C 188 -19.54 45.69 -8.32
C ILE C 188 -19.07 44.28 -7.93
N PRO C 189 -17.85 43.88 -8.33
CA PRO C 189 -17.35 42.58 -7.86
C PRO C 189 -16.99 42.60 -6.37
N PHE C 190 -17.71 41.78 -5.59
CA PHE C 190 -17.47 41.68 -4.15
C PHE C 190 -16.20 40.89 -3.87
N ASP C 191 -15.36 41.43 -2.99
CA ASP C 191 -14.08 40.82 -2.63
C ASP C 191 -14.22 40.10 -1.27
N PRO C 192 -14.15 38.75 -1.28
CA PRO C 192 -14.26 37.99 -0.02
C PRO C 192 -13.17 38.32 1.01
N ALA C 193 -12.01 38.76 0.55
CA ALA C 193 -10.91 39.19 1.44
C ALA C 193 -11.13 40.59 2.01
N ASN C 194 -11.99 41.38 1.36
CA ASN C 194 -12.39 42.70 1.86
C ASN C 194 -13.90 42.77 2.03
N PRO C 195 -14.42 42.10 3.07
CA PRO C 195 -15.87 42.03 3.25
C PRO C 195 -16.45 43.28 3.88
N LYS C 196 -17.70 43.56 3.55
CA LYS C 196 -18.50 44.55 4.27
C LYS C 196 -19.82 43.90 4.64
N LYS C 197 -20.50 44.48 5.61
CA LYS C 197 -21.79 43.96 6.05
C LYS C 197 -22.91 44.44 5.11
N PHE C 198 -23.93 43.60 4.95
CA PHE C 198 -25.10 43.94 4.17
C PHE C 198 -26.35 43.69 5.00
N SER C 199 -27.39 44.49 4.75
CA SER C 199 -28.72 44.25 5.33
C SER C 199 -29.61 43.44 4.38
N ILE C 200 -29.23 43.39 3.10
CA ILE C 200 -29.97 42.66 2.07
C ILE C 200 -29.01 41.69 1.37
N ILE C 201 -29.31 40.40 1.42
CA ILE C 201 -28.52 39.39 0.72
C ILE C 201 -29.41 38.42 -0.08
N PHE C 202 -29.00 38.18 -1.33
CA PHE C 202 -29.70 37.31 -2.25
C PHE C 202 -28.73 36.19 -2.65
N GLU C 203 -29.13 34.93 -2.48
CA GLU C 203 -28.23 33.77 -2.73
C GLU C 203 -28.89 32.74 -3.63
N ALA C 204 -28.20 32.39 -4.72
CA ALA C 204 -28.74 31.43 -5.68
C ALA C 204 -27.67 30.44 -6.14
N THR C 205 -27.17 29.65 -5.20
CA THR C 205 -26.22 28.57 -5.50
C THR C 205 -26.75 27.23 -4.97
N PRO C 206 -26.17 26.11 -5.43
CA PRO C 206 -26.56 24.82 -4.87
C PRO C 206 -25.74 24.36 -3.65
N CYS C 207 -25.13 25.30 -2.93
CA CYS C 207 -24.17 24.93 -1.87
C CYS C 207 -24.48 25.52 -0.50
N ALA C 208 -24.10 24.77 0.53
CA ALA C 208 -24.25 25.21 1.92
C ALA C 208 -23.16 26.21 2.33
N ASN C 209 -23.45 27.01 3.36
CA ASN C 209 -22.46 27.91 3.96
C ASN C 209 -21.72 28.80 2.95
N THR C 210 -22.44 29.39 2.01
CA THR C 210 -21.84 30.29 1.02
C THR C 210 -21.80 31.75 1.50
N ILE C 211 -22.59 32.06 2.52
CA ILE C 211 -22.67 33.41 3.09
C ILE C 211 -21.80 33.49 4.36
N PRO C 212 -20.62 34.14 4.27
CA PRO C 212 -19.73 34.17 5.44
C PRO C 212 -20.24 35.12 6.54
N GLU C 213 -19.84 34.84 7.79
CA GLU C 213 -20.26 35.65 8.93
C GLU C 213 -19.90 37.13 8.78
N ALA C 214 -18.75 37.39 8.15
CA ALA C 214 -18.30 38.77 7.92
C ALA C 214 -19.38 39.62 7.26
N VAL C 215 -20.08 39.03 6.31
CA VAL C 215 -21.05 39.74 5.47
C VAL C 215 -22.40 40.04 6.15
N LEU C 216 -22.69 39.34 7.26
CA LEU C 216 -23.98 39.52 7.93
C LEU C 216 -24.04 40.77 8.80
N SER C 217 -25.23 41.34 8.94
CA SER C 217 -25.52 42.31 10.00
C SER C 217 -26.78 41.81 10.70
N GLU C 218 -27.12 42.42 11.83
CA GLU C 218 -28.24 41.92 12.63
C GLU C 218 -29.55 42.19 11.90
N ASN C 219 -30.46 41.21 11.94
CA ASN C 219 -31.76 41.29 11.27
C ASN C 219 -31.69 41.57 9.76
N CYS C 220 -30.59 41.19 9.11
CA CYS C 220 -30.53 41.31 7.66
C CYS C 220 -31.46 40.28 7.03
N VAL C 221 -31.88 40.55 5.79
CA VAL C 221 -32.70 39.61 5.04
C VAL C 221 -31.79 38.74 4.18
N LEU C 222 -32.02 37.44 4.22
CA LEU C 222 -31.38 36.50 3.29
C LEU C 222 -32.47 35.87 2.45
N SER C 223 -32.56 36.30 1.19
CA SER C 223 -33.53 35.78 0.24
C SER C 223 -32.83 34.75 -0.65
N THR C 224 -33.14 33.47 -0.47
CA THR C 224 -32.40 32.42 -1.19
C THR C 224 -33.30 31.31 -1.73
N PRO C 225 -33.38 31.17 -3.06
CA PRO C 225 -33.99 29.96 -3.62
C PRO C 225 -33.02 28.77 -3.66
N GLY C 226 -31.75 29.00 -3.36
CA GLY C 226 -30.73 27.95 -3.39
C GLY C 226 -31.00 26.80 -2.42
N ILE C 227 -30.59 25.60 -2.81
CA ILE C 227 -30.78 24.38 -2.02
C ILE C 227 -29.45 23.62 -2.01
N PRO C 228 -28.95 23.20 -0.83
CA PRO C 228 -29.47 23.43 0.52
C PRO C 228 -29.26 24.86 1.01
N CYS C 229 -29.47 25.11 2.30
CA CYS C 229 -29.46 26.48 2.84
C CYS C 229 -28.06 27.11 2.82
N ALA C 230 -28.01 28.38 2.45
CA ALA C 230 -26.74 29.11 2.23
C ALA C 230 -26.04 29.52 3.52
N ILE C 231 -26.74 29.39 4.65
CA ILE C 231 -26.26 29.86 5.92
C ILE C 231 -26.55 28.82 7.00
N SER C 232 -25.64 28.68 7.95
CA SER C 232 -25.81 27.71 9.03
C SER C 232 -26.92 28.11 9.99
N GLU C 233 -27.52 27.11 10.62
CA GLU C 233 -28.41 27.30 11.77
C GLU C 233 -27.80 28.26 12.80
N GLU C 234 -26.52 28.07 13.09
CA GLU C 234 -25.80 28.88 14.08
C GLU C 234 -25.81 30.36 13.72
N LEU C 235 -25.33 30.69 12.52
CA LEU C 235 -25.26 32.08 12.06
C LEU C 235 -26.65 32.71 11.89
N ARG C 236 -27.61 31.89 11.47
CA ARG C 236 -28.99 32.34 11.30
C ARG C 236 -29.55 32.90 12.61
N ASP C 237 -29.38 32.14 13.69
CA ASP C 237 -29.85 32.54 15.03
C ASP C 237 -29.05 33.70 15.61
N LYS C 238 -27.72 33.63 15.45
CA LYS C 238 -26.80 34.61 16.02
C LYS C 238 -27.03 36.04 15.51
N TYR C 239 -27.42 36.17 14.24
CA TYR C 239 -27.70 37.48 13.64
C TYR C 239 -29.20 37.69 13.43
N GLU C 240 -30.02 36.80 13.96
CA GLU C 240 -31.47 36.85 13.79
C GLU C 240 -31.81 37.12 12.32
N VAL C 241 -31.27 36.27 11.45
CA VAL C 241 -31.45 36.43 10.00
C VAL C 241 -32.89 36.13 9.63
N GLN C 242 -33.49 37.03 8.85
CA GLN C 242 -34.81 36.80 8.30
C GLN C 242 -34.66 36.07 6.96
N LEU C 243 -35.01 34.80 6.97
CA LEU C 243 -34.74 33.90 5.86
C LEU C 243 -35.98 33.74 4.97
N ILE C 244 -35.83 34.00 3.67
CA ILE C 244 -36.83 33.63 2.67
C ILE C 244 -36.23 32.49 1.85
N ALA C 245 -36.78 31.29 2.03
CA ALA C 245 -36.21 30.09 1.43
C ALA C 245 -37.26 28.99 1.40
N GLU C 246 -37.62 28.59 0.19
CA GLU C 246 -38.69 27.63 -0.02
C GLU C 246 -38.40 26.94 -1.37
N PRO C 247 -38.70 25.63 -1.49
CA PRO C 247 -38.07 24.88 -2.60
C PRO C 247 -38.71 24.93 -4.00
N LEU C 248 -39.94 25.45 -4.13
CA LEU C 248 -40.66 25.34 -5.40
C LEU C 248 -41.80 26.34 -5.58
N GLY C 249 -42.59 26.53 -4.52
CA GLY C 249 -43.79 27.38 -4.54
C GLY C 249 -43.65 28.83 -4.95
N ILE C 250 -42.68 29.54 -4.38
CA ILE C 250 -42.48 30.96 -4.69
C ILE C 250 -42.08 31.16 -6.17
N GLY C 251 -41.16 30.31 -6.65
CA GLY C 251 -40.74 30.35 -8.03
C GLY C 251 -41.87 29.99 -8.97
N THR C 252 -42.72 29.06 -8.57
CA THR C 252 -43.84 28.63 -9.40
C THR C 252 -44.91 29.72 -9.47
N ALA C 253 -45.19 30.37 -8.34
CA ALA C 253 -46.11 31.52 -8.31
C ALA C 253 -45.65 32.58 -9.30
N SER C 254 -44.35 32.91 -9.26
CA SER C 254 -43.75 33.88 -10.18
C SER C 254 -43.99 33.52 -11.64
N MET C 255 -43.80 32.24 -11.99
CA MET C 255 -44.05 31.74 -13.36
C MET C 255 -45.50 31.95 -13.79
N LEU C 256 -46.43 31.46 -12.97
CA LEU C 256 -47.85 31.54 -13.28
C LEU C 256 -48.37 32.97 -13.41
N TYR C 257 -48.02 33.86 -12.49
CA TYR C 257 -48.47 35.25 -12.57
C TYR C 257 -47.84 36.00 -13.73
N SER C 258 -46.62 35.64 -14.13
CA SER C 258 -45.95 36.28 -15.28
C SER C 258 -46.54 35.90 -16.65
N VAL C 259 -47.34 34.84 -16.70
CA VAL C 259 -47.99 34.44 -17.96
C VAL C 259 -49.49 34.76 -17.98
N LEU C 260 -50.03 35.23 -16.86
CA LEU C 260 -51.43 35.61 -16.80
C LEU C 260 -51.73 36.88 -17.61
N MET D 2 26.42 -20.45 11.21
CA MET D 2 25.72 -21.31 12.21
C MET D 2 24.62 -22.14 11.55
N ALA D 3 25.03 -23.19 10.87
CA ALA D 3 24.10 -24.08 10.15
C ALA D 3 23.68 -25.25 11.04
N LEU D 4 22.66 -25.03 11.86
CA LEU D 4 22.14 -26.07 12.74
C LEU D 4 20.96 -26.80 12.10
N LEU D 5 20.81 -28.08 12.42
CA LEU D 5 19.66 -28.87 11.96
C LEU D 5 18.34 -28.27 12.44
N THR D 6 17.28 -28.45 11.65
CA THR D 6 15.91 -28.13 12.07
C THR D 6 15.16 -29.45 12.26
N PRO D 7 14.01 -29.42 12.96
CA PRO D 7 13.22 -30.64 13.14
C PRO D 7 12.80 -31.34 11.85
N ASP D 8 12.45 -30.55 10.82
CA ASP D 8 12.03 -31.08 9.52
C ASP D 8 13.15 -31.83 8.78
N ASP D 9 14.40 -31.40 8.97
CA ASP D 9 15.55 -32.12 8.40
C ASP D 9 15.59 -33.59 8.87
N LEU D 10 15.01 -33.87 10.04
CA LEU D 10 15.13 -35.17 10.68
C LEU D 10 13.86 -36.04 10.63
N ILE D 11 12.87 -35.61 9.84
CA ILE D 11 11.62 -36.38 9.72
C ILE D 11 11.92 -37.78 9.18
N ASN D 12 11.42 -38.80 9.87
CA ASN D 12 11.52 -40.18 9.42
C ASN D 12 12.97 -40.55 9.05
N ILE D 13 13.85 -40.36 10.03
CA ILE D 13 15.29 -40.56 9.83
C ILE D 13 15.65 -41.98 9.38
N ASN D 14 14.86 -42.97 9.81
CA ASN D 14 15.06 -44.36 9.37
C ASN D 14 14.97 -44.54 7.87
N MET D 15 13.98 -43.91 7.25
CA MET D 15 13.81 -43.96 5.80
C MET D 15 15.00 -43.27 5.13
N GLN D 16 15.36 -42.09 5.62
CA GLN D 16 16.51 -41.33 5.11
C GLN D 16 17.82 -42.12 5.23
N LEU D 17 17.96 -42.88 6.31
CA LEU D 17 19.17 -43.68 6.54
C LEU D 17 19.18 -44.94 5.67
N GLN D 18 18.00 -45.56 5.49
CA GLN D 18 17.84 -46.69 4.57
C GLN D 18 18.24 -46.35 3.14
N LYS D 19 17.69 -45.24 2.64
CA LYS D 19 17.90 -44.83 1.26
C LYS D 19 19.36 -44.44 1.02
N ALA D 20 19.98 -43.81 2.01
CA ALA D 20 21.40 -43.48 1.94
C ALA D 20 22.28 -44.73 1.97
N ASP D 21 21.90 -45.70 2.80
CA ASP D 21 22.68 -46.94 2.93
C ASP D 21 22.63 -47.71 1.62
N SER D 22 21.46 -47.76 0.99
CA SER D 22 21.29 -48.40 -0.32
C SER D 22 22.16 -47.72 -1.37
N ALA D 23 22.14 -46.39 -1.37
CA ALA D 23 22.96 -45.59 -2.27
C ALA D 23 24.44 -45.88 -2.07
N VAL D 24 24.88 -45.95 -0.81
CA VAL D 24 26.28 -46.22 -0.48
C VAL D 24 26.73 -47.59 -0.98
N GLN D 25 25.83 -48.58 -0.92
CA GLN D 25 26.12 -49.95 -1.39
C GLN D 25 26.26 -49.98 -2.90
N GLU D 26 25.29 -49.35 -3.57
CA GLU D 26 25.32 -49.19 -5.03
C GLU D 26 26.63 -48.57 -5.50
N VAL D 27 27.11 -47.56 -4.76
CA VAL D 27 28.31 -46.81 -5.15
C VAL D 27 29.59 -47.56 -4.81
N THR D 28 29.70 -48.04 -3.56
CA THR D 28 30.95 -48.59 -3.04
C THR D 28 31.00 -50.11 -2.86
N GLY D 29 29.84 -50.76 -2.96
CA GLY D 29 29.75 -52.20 -2.71
C GLY D 29 29.75 -52.57 -1.24
N LEU D 30 29.59 -51.57 -0.37
CA LEU D 30 29.56 -51.78 1.07
C LEU D 30 28.42 -50.96 1.68
N ASP D 31 27.80 -51.48 2.74
CA ASP D 31 26.88 -50.67 3.54
C ASP D 31 27.70 -49.74 4.44
N ILE D 32 27.03 -48.86 5.18
CA ILE D 32 27.73 -47.87 6.01
C ILE D 32 28.61 -48.54 7.08
N LYS D 33 28.12 -49.64 7.67
CA LYS D 33 28.90 -50.43 8.62
C LYS D 33 30.27 -50.84 8.06
N GLY D 34 30.24 -51.37 6.84
CA GLY D 34 31.45 -51.84 6.16
C GLY D 34 32.44 -50.74 5.87
N ILE D 35 31.93 -49.55 5.53
CA ILE D 35 32.78 -48.38 5.33
C ILE D 35 33.42 -47.96 6.66
N CYS D 36 32.62 -47.94 7.72
CA CYS D 36 33.14 -47.63 9.06
C CYS D 36 34.15 -48.66 9.53
N LYS D 37 33.88 -49.92 9.19
CA LYS D 37 34.81 -51.00 9.46
C LYS D 37 36.12 -50.78 8.69
N ALA D 38 36.01 -50.46 7.40
CA ALA D 38 37.18 -50.15 6.58
C ALA D 38 37.96 -48.95 7.09
N LEU D 39 37.26 -47.93 7.59
CA LEU D 39 37.90 -46.72 8.10
C LEU D 39 38.66 -46.97 9.40
N TYR D 40 37.98 -47.59 10.36
CA TYR D 40 38.49 -47.67 11.73
C TYR D 40 38.91 -49.08 12.16
N GLY D 41 38.45 -50.10 11.45
CA GLY D 41 38.83 -51.49 11.76
C GLY D 41 38.06 -52.10 12.91
N THR D 42 36.87 -51.59 13.20
CA THR D 42 36.08 -51.99 14.38
C THR D 42 34.66 -52.47 14.06
N PHE D 43 34.20 -53.50 14.78
CA PHE D 43 32.78 -53.88 14.79
C PHE D 43 32.12 -53.25 15.98
N SER D 44 30.82 -53.00 15.88
CA SER D 44 30.02 -52.68 17.05
C SER D 44 29.69 -53.98 17.80
N SER D 45 29.51 -53.87 19.12
CA SER D 45 29.20 -55.00 20.00
C SER D 45 28.03 -54.67 20.92
N SER D 46 26.97 -54.08 20.36
CA SER D 46 25.82 -53.64 21.16
C SER D 46 26.24 -52.74 22.32
N GLU D 47 27.22 -51.87 22.09
CA GLU D 47 27.65 -50.94 23.14
C GLU D 47 26.47 -50.09 23.61
N LYS D 48 26.48 -49.74 24.89
CA LYS D 48 25.41 -48.94 25.47
C LYS D 48 25.70 -47.45 25.29
N VAL D 49 24.82 -46.77 24.54
CA VAL D 49 25.02 -45.38 24.19
C VAL D 49 24.04 -44.49 24.96
N GLY D 50 24.56 -43.57 25.74
CA GLY D 50 23.74 -42.59 26.47
C GLY D 50 23.61 -41.28 25.71
N ILE D 51 22.41 -40.98 25.26
CA ILE D 51 22.13 -39.76 24.49
C ILE D 51 21.63 -38.69 25.45
N VAL D 52 22.41 -37.64 25.63
CA VAL D 52 22.05 -36.57 26.56
C VAL D 52 21.60 -35.30 25.83
N PRO D 53 20.32 -34.93 25.98
CA PRO D 53 19.85 -33.63 25.46
C PRO D 53 20.56 -32.45 26.12
N VAL D 54 20.84 -31.40 25.35
CA VAL D 54 21.58 -30.24 25.83
C VAL D 54 20.82 -28.95 25.50
N THR D 55 20.53 -28.16 26.54
CA THR D 55 19.71 -26.95 26.38
C THR D 55 20.52 -25.67 26.19
N SER D 56 21.85 -25.77 26.08
CA SER D 56 22.68 -24.57 25.95
C SER D 56 22.52 -23.92 24.56
N GLY D 57 22.63 -22.60 24.53
CA GLY D 57 22.51 -21.82 23.29
C GLY D 57 21.14 -21.96 22.61
N ASN D 58 21.15 -22.27 21.32
CA ASN D 58 19.91 -22.52 20.58
C ASN D 58 19.05 -23.58 21.27
N GLY D 59 19.67 -24.52 21.97
CA GLY D 59 18.95 -25.43 22.84
C GLY D 59 18.57 -26.74 22.17
N ILE D 60 17.59 -27.42 22.75
CA ILE D 60 17.15 -28.72 22.25
C ILE D 60 16.50 -28.57 20.88
N ILE D 61 16.96 -29.37 19.93
CA ILE D 61 16.39 -29.37 18.58
C ILE D 61 15.40 -30.51 18.50
N GLY D 62 14.17 -30.21 18.05
CA GLY D 62 13.13 -31.22 17.90
C GLY D 62 13.60 -32.35 17.02
N ASN D 63 13.31 -33.59 17.45
CA ASN D 63 13.71 -34.83 16.77
C ASN D 63 15.20 -35.20 16.86
N PHE D 64 16.03 -34.35 17.47
CA PHE D 64 17.48 -34.61 17.52
C PHE D 64 17.82 -35.86 18.35
N SER D 65 17.42 -35.86 19.62
CA SER D 65 17.73 -37.00 20.49
C SER D 65 17.02 -38.28 20.01
N ALA D 66 15.80 -38.12 19.52
CA ALA D 66 15.03 -39.25 18.96
C ALA D 66 15.67 -39.78 17.69
N SER D 67 16.16 -38.88 16.83
CA SER D 67 16.87 -39.31 15.62
C SER D 67 18.12 -40.10 15.97
N LEU D 68 18.93 -39.55 16.87
CA LEU D 68 20.11 -40.26 17.36
C LEU D 68 19.77 -41.61 17.98
N HIS D 69 18.62 -41.69 18.63
CA HIS D 69 18.16 -42.95 19.21
C HIS D 69 17.93 -43.96 18.09
N ALA D 70 17.18 -43.56 17.07
CA ALA D 70 16.91 -44.42 15.91
C ALA D 70 18.19 -44.83 15.20
N ILE D 71 19.07 -43.87 14.95
CA ILE D 71 20.34 -44.11 14.26
C ILE D 71 21.18 -45.15 14.98
N THR D 72 21.36 -44.96 16.29
CA THR D 72 22.14 -45.89 17.10
C THR D 72 21.52 -47.30 17.14
N GLN D 73 20.18 -47.37 17.18
CA GLN D 73 19.48 -48.67 17.07
C GLN D 73 19.81 -49.31 15.74
N TYR D 74 19.58 -48.57 14.66
CA TYR D 74 19.82 -49.01 13.28
C TYR D 74 21.20 -49.63 13.09
N PHE D 75 22.22 -49.06 13.73
CA PHE D 75 23.58 -49.59 13.62
C PHE D 75 23.94 -50.63 14.69
N GLY D 76 22.94 -51.11 15.44
CA GLY D 76 23.14 -52.19 16.40
C GLY D 76 23.72 -51.78 17.74
N PHE D 77 23.33 -50.62 18.23
CA PHE D 77 23.72 -50.17 19.57
C PHE D 77 22.55 -50.21 20.53
N ASP D 78 22.85 -50.46 21.80
CA ASP D 78 21.86 -50.45 22.88
C ASP D 78 21.75 -49.00 23.39
N SER D 79 20.92 -48.20 22.74
CA SER D 79 20.86 -46.77 23.01
C SER D 79 19.64 -46.35 23.83
N PHE D 80 19.78 -45.23 24.53
CA PHE D 80 18.69 -44.64 25.28
C PHE D 80 18.91 -43.13 25.41
N VAL D 81 17.82 -42.41 25.65
CA VAL D 81 17.83 -40.96 25.78
C VAL D 81 17.48 -40.62 27.22
N THR D 82 18.30 -39.78 27.85
CA THR D 82 18.10 -39.44 29.27
C THR D 82 16.89 -38.51 29.47
N ASP D 83 16.17 -38.72 30.57
CA ASP D 83 15.04 -37.86 30.93
C ASP D 83 15.48 -36.43 31.15
N MET D 84 16.57 -36.26 31.89
CA MET D 84 17.11 -34.94 32.17
C MET D 84 18.11 -34.52 31.10
N PRO D 85 18.25 -33.20 30.88
CA PRO D 85 19.27 -32.69 29.97
C PRO D 85 20.53 -32.25 30.72
N ASP D 86 21.56 -31.86 29.97
CA ASP D 86 22.73 -31.14 30.49
C ASP D 86 23.52 -31.98 31.52
N VAL D 87 24.01 -31.36 32.60
CA VAL D 87 24.85 -32.07 33.57
C VAL D 87 24.03 -33.14 34.31
N SER D 88 22.81 -32.79 34.69
CA SER D 88 21.87 -33.77 35.25
C SER D 88 21.69 -34.98 34.32
N GLY D 89 21.51 -34.71 33.03
CA GLY D 89 21.40 -35.78 32.03
C GLY D 89 22.66 -36.61 31.92
N TYR D 90 23.81 -35.96 31.95
CA TYR D 90 25.11 -36.65 31.88
C TYR D 90 25.26 -37.61 33.06
N TYR D 91 24.93 -37.12 34.25
CA TYR D 91 24.92 -37.94 35.46
C TYR D 91 23.99 -39.15 35.27
N GLU D 92 22.82 -38.89 34.68
CA GLU D 92 21.82 -39.93 34.49
C GLU D 92 22.35 -41.01 33.54
N ALA D 93 23.03 -40.58 32.48
CA ALA D 93 23.55 -41.50 31.48
C ALA D 93 24.62 -42.42 32.07
N VAL D 94 25.58 -41.82 32.78
CA VAL D 94 26.67 -42.58 33.39
C VAL D 94 26.13 -43.56 34.45
N GLN D 95 25.25 -43.05 35.32
CA GLN D 95 24.59 -43.86 36.35
C GLN D 95 23.83 -45.05 35.73
N ASN D 96 23.19 -44.83 34.58
CA ASN D 96 22.42 -45.88 33.92
C ASN D 96 23.26 -46.80 33.01
N GLY D 97 24.58 -46.72 33.12
CA GLY D 97 25.48 -47.70 32.52
C GLY D 97 25.96 -47.40 31.10
N ALA D 98 25.87 -46.14 30.69
CA ALA D 98 26.31 -45.76 29.35
C ALA D 98 27.81 -46.03 29.20
N GLU D 99 28.17 -46.68 28.10
CA GLU D 99 29.56 -46.94 27.74
C GLU D 99 30.07 -45.81 26.87
N ILE D 100 29.21 -45.32 25.98
CA ILE D 100 29.51 -44.18 25.13
C ILE D 100 28.49 -43.07 25.41
N ILE D 101 28.97 -41.85 25.62
CA ILE D 101 28.10 -40.68 25.77
C ILE D 101 28.03 -39.93 24.46
N LEU D 102 26.82 -39.60 24.05
CA LEU D 102 26.56 -38.89 22.81
C LEU D 102 25.80 -37.61 23.16
N MET D 103 26.43 -36.45 22.91
CA MET D 103 25.81 -35.16 23.24
C MET D 103 26.37 -34.04 22.37
N ALA D 104 25.61 -32.96 22.24
CA ALA D 104 26.00 -31.84 21.40
C ALA D 104 25.47 -30.49 21.86
N ASP D 105 26.34 -29.49 21.91
CA ASP D 105 25.90 -28.10 21.99
C ASP D 105 25.96 -27.48 20.57
N ASP D 106 25.80 -26.16 20.46
CA ASP D 106 25.75 -25.53 19.14
C ASP D 106 27.06 -25.60 18.35
N ARG D 107 28.19 -25.79 19.03
CA ARG D 107 29.49 -25.80 18.36
C ARG D 107 30.16 -27.17 18.29
N THR D 108 29.74 -28.11 19.13
CA THR D 108 30.41 -29.40 19.22
C THR D 108 29.38 -30.51 19.44
N PHE D 109 29.44 -31.52 18.58
CA PHE D 109 28.71 -32.77 18.73
C PHE D 109 29.75 -33.87 18.89
N LEU D 110 29.82 -34.46 20.08
CA LEU D 110 30.87 -35.45 20.38
C LEU D 110 30.30 -36.82 20.76
N ALA D 111 31.14 -37.84 20.58
CA ALA D 111 30.94 -39.15 21.15
C ALA D 111 32.13 -39.46 22.05
N HIS D 112 31.87 -39.79 23.32
CA HIS D 112 32.93 -40.14 24.24
C HIS D 112 32.75 -41.56 24.77
N ASN D 113 33.65 -42.44 24.38
CA ASN D 113 33.63 -43.83 24.84
C ASN D 113 34.32 -43.91 26.18
N LEU D 114 33.56 -44.16 27.24
CA LEU D 114 34.09 -44.23 28.60
C LEU D 114 34.90 -45.49 28.86
N LYS D 115 34.82 -46.49 27.97
CA LYS D 115 35.56 -47.75 28.13
C LYS D 115 37.03 -47.62 27.78
N ASN D 116 37.34 -46.81 26.77
CA ASN D 116 38.71 -46.68 26.28
C ASN D 116 39.21 -45.23 26.20
N GLY D 117 38.43 -44.27 26.70
CA GLY D 117 38.81 -42.86 26.66
C GLY D 117 38.81 -42.17 25.30
N LYS D 118 38.42 -42.88 24.25
CA LYS D 118 38.42 -42.32 22.90
C LYS D 118 37.26 -41.33 22.74
N MET D 119 37.55 -40.20 22.09
CA MET D 119 36.56 -39.16 21.87
C MET D 119 36.60 -38.68 20.42
N ALA D 120 35.43 -38.61 19.80
CA ALA D 120 35.31 -38.21 18.40
C ALA D 120 34.59 -36.87 18.29
N ASN D 121 34.97 -36.08 17.28
CA ASN D 121 34.26 -34.85 16.94
C ASN D 121 33.49 -35.06 15.64
N ASN D 122 32.22 -34.66 15.63
CA ASN D 122 31.34 -34.90 14.48
C ASN D 122 31.88 -34.36 13.14
N GLN D 123 32.51 -33.19 13.17
CA GLN D 123 32.91 -32.49 11.93
C GLN D 123 34.01 -33.23 11.12
N PRO D 124 35.16 -33.54 11.74
CA PRO D 124 36.13 -34.35 11.00
C PRO D 124 35.62 -35.76 10.70
N CYS D 125 34.84 -36.33 11.61
CA CYS D 125 34.28 -37.67 11.39
C CYS D 125 33.34 -37.69 10.19
N THR D 126 32.48 -36.68 10.09
CA THR D 126 31.58 -36.57 8.94
C THR D 126 32.36 -36.37 7.63
N GLY D 127 33.33 -35.45 7.66
CA GLY D 127 34.17 -35.16 6.48
C GLY D 127 34.91 -36.39 5.97
N ILE D 128 35.48 -37.16 6.89
CA ILE D 128 36.26 -38.34 6.54
C ILE D 128 35.40 -39.44 5.92
N ILE D 129 34.22 -39.69 6.48
CA ILE D 129 33.38 -40.81 5.99
C ILE D 129 32.73 -40.50 4.63
N TYR D 130 32.22 -39.30 4.47
CA TYR D 130 31.68 -38.90 3.17
C TYR D 130 32.79 -38.91 2.11
N ALA D 131 34.00 -38.47 2.47
CA ALA D 131 35.16 -38.53 1.59
C ALA D 131 35.53 -39.97 1.26
N GLU D 132 35.50 -40.84 2.29
CA GLU D 132 35.76 -42.27 2.12
C GLU D 132 34.75 -42.93 1.18
N ILE D 133 33.48 -42.55 1.31
CA ILE D 133 32.44 -43.08 0.44
C ILE D 133 32.70 -42.65 -1.00
N ALA D 134 33.02 -41.37 -1.18
CA ALA D 134 33.39 -40.83 -2.49
C ALA D 134 34.62 -41.54 -3.08
N SER D 135 35.65 -41.73 -2.25
CA SER D 135 36.89 -42.36 -2.69
C SER D 135 36.66 -43.77 -3.24
N ARG D 136 35.64 -44.46 -2.76
CA ARG D 136 35.42 -45.87 -3.11
C ARG D 136 34.31 -46.08 -4.14
N TYR D 137 34.15 -45.14 -5.07
CA TYR D 137 33.20 -45.33 -6.17
C TYR D 137 33.73 -46.41 -7.11
N LEU D 138 32.96 -47.47 -7.29
CA LEU D 138 33.41 -48.64 -8.05
C LEU D 138 33.67 -48.36 -9.53
N LYS D 139 32.75 -47.63 -10.17
CA LYS D 139 32.88 -47.31 -11.58
C LYS D 139 33.47 -45.91 -11.83
N ALA D 140 34.40 -45.49 -10.97
CA ALA D 140 34.98 -44.14 -11.07
C ALA D 140 35.77 -43.96 -12.37
N ASP D 141 36.75 -44.83 -12.57
CA ASP D 141 37.64 -44.75 -13.73
C ASP D 141 38.41 -43.43 -13.74
N SER D 142 38.76 -42.94 -12.55
CA SER D 142 39.49 -41.68 -12.39
C SER D 142 39.93 -41.51 -10.94
N LYS D 143 41.15 -41.00 -10.74
CA LYS D 143 41.65 -40.67 -9.40
C LYS D 143 41.53 -39.17 -9.10
N ASP D 144 40.86 -38.42 -9.98
CA ASP D 144 40.61 -37.00 -9.78
C ASP D 144 39.34 -36.80 -8.96
N VAL D 145 39.40 -35.93 -7.96
CA VAL D 145 38.25 -35.66 -7.09
C VAL D 145 38.12 -34.16 -6.82
N LEU D 146 36.89 -33.65 -6.90
CA LEU D 146 36.57 -32.25 -6.60
C LEU D 146 36.03 -32.11 -5.19
N VAL D 147 36.64 -31.21 -4.41
CA VAL D 147 36.17 -30.89 -3.08
C VAL D 147 35.70 -29.43 -3.04
N VAL D 148 34.44 -29.22 -2.68
CA VAL D 148 33.86 -27.87 -2.60
C VAL D 148 33.44 -27.66 -1.15
N GLY D 149 34.08 -26.70 -0.49
CA GLY D 149 33.93 -26.52 0.94
C GLY D 149 35.14 -27.10 1.64
N LEU D 150 35.96 -26.23 2.22
CA LEU D 150 37.17 -26.65 2.92
C LEU D 150 37.17 -26.14 4.36
N GLY D 151 35.99 -26.18 4.97
CA GLY D 151 35.82 -25.76 6.36
C GLY D 151 36.05 -26.92 7.29
N LYS D 152 35.29 -26.95 8.38
CA LYS D 152 35.52 -27.92 9.46
C LYS D 152 35.17 -29.35 9.05
N VAL D 153 34.23 -29.50 8.13
CA VAL D 153 33.89 -30.81 7.59
C VAL D 153 34.75 -31.09 6.35
N GLY D 154 34.80 -30.13 5.44
CA GLY D 154 35.45 -30.33 4.15
C GLY D 154 36.97 -30.53 4.19
N PHE D 155 37.65 -29.82 5.07
CA PHE D 155 39.11 -29.88 5.14
C PHE D 155 39.62 -31.26 5.54
N PRO D 156 39.07 -31.85 6.63
CA PRO D 156 39.48 -33.23 6.95
C PRO D 156 39.11 -34.24 5.88
N GLY D 157 38.02 -33.98 5.14
CA GLY D 157 37.60 -34.84 4.04
C GLY D 157 38.58 -34.80 2.88
N ALA D 158 39.08 -33.60 2.59
CA ALA D 158 40.08 -33.39 1.55
C ALA D 158 41.43 -33.99 1.97
N GLU D 159 41.79 -33.79 3.24
CA GLU D 159 42.97 -34.42 3.82
C GLU D 159 42.92 -35.93 3.66
N HIS D 160 41.77 -36.52 3.96
CA HIS D 160 41.58 -37.96 3.80
C HIS D 160 41.83 -38.42 2.37
N LEU D 161 41.34 -37.64 1.40
CA LEU D 161 41.51 -37.99 -0.01
C LEU D 161 42.97 -37.86 -0.46
N VAL D 162 43.64 -36.80 -0.03
CA VAL D 162 45.07 -36.63 -0.32
C VAL D 162 45.87 -37.78 0.29
N GLN D 163 45.53 -38.18 1.51
CA GLN D 163 46.18 -39.31 2.18
C GLN D 163 45.92 -40.64 1.48
N LYS D 164 44.79 -40.75 0.76
CA LYS D 164 44.48 -41.95 -0.03
C LYS D 164 45.02 -41.86 -1.47
N ASP D 165 45.91 -40.91 -1.72
CA ASP D 165 46.66 -40.85 -2.97
C ASP D 165 45.78 -40.48 -4.16
N PHE D 166 44.81 -39.60 -3.92
CA PHE D 166 43.95 -39.09 -4.98
C PHE D 166 44.48 -37.76 -5.47
N ARG D 167 44.12 -37.39 -6.70
CA ARG D 167 44.41 -36.07 -7.24
C ARG D 167 43.27 -35.14 -6.83
N VAL D 168 43.44 -34.45 -5.71
CA VAL D 168 42.37 -33.63 -5.12
C VAL D 168 42.37 -32.19 -5.64
N TYR D 169 41.30 -31.82 -6.33
CA TYR D 169 41.04 -30.44 -6.69
C TYR D 169 40.12 -29.82 -5.63
N GLY D 170 40.45 -28.61 -5.19
CA GLY D 170 39.72 -27.98 -4.11
C GLY D 170 39.20 -26.60 -4.46
N TYR D 171 38.04 -26.26 -3.90
CA TYR D 171 37.52 -24.91 -4.01
C TYR D 171 36.75 -24.51 -2.74
N ASP D 172 37.03 -23.30 -2.27
CA ASP D 172 36.23 -22.65 -1.22
C ASP D 172 36.06 -21.18 -1.65
N ALA D 173 34.92 -20.58 -1.32
CA ALA D 173 34.66 -19.16 -1.63
C ALA D 173 35.52 -18.22 -0.80
N ASP D 174 35.99 -18.69 0.35
CA ASP D 174 36.93 -17.97 1.21
C ASP D 174 38.36 -18.23 0.71
N GLU D 175 38.96 -17.21 0.09
CA GLU D 175 40.30 -17.34 -0.51
C GLU D 175 41.38 -17.72 0.50
N THR D 176 41.27 -17.18 1.72
CA THR D 176 42.18 -17.51 2.81
C THR D 176 42.13 -19.01 3.13
N LEU D 177 40.92 -19.55 3.18
CA LEU D 177 40.71 -20.98 3.42
C LEU D 177 41.31 -21.80 2.28
N LEU D 178 41.06 -21.37 1.05
CA LEU D 178 41.57 -22.05 -0.14
C LEU D 178 43.09 -22.10 -0.16
N GLU D 179 43.72 -20.99 0.24
CA GLU D 179 45.18 -20.92 0.36
C GLU D 179 45.69 -21.89 1.42
N ARG D 180 45.11 -21.82 2.62
CA ARG D 180 45.49 -22.70 3.73
C ARG D 180 45.49 -24.16 3.28
N ALA D 181 44.41 -24.57 2.62
CA ALA D 181 44.27 -25.96 2.15
C ALA D 181 45.32 -26.33 1.10
N THR D 182 45.54 -25.45 0.12
CA THR D 182 46.55 -25.70 -0.92
C THR D 182 47.94 -25.80 -0.30
N SER D 183 48.27 -24.85 0.57
CA SER D 183 49.54 -24.85 1.28
C SER D 183 49.71 -26.09 2.18
N ASN D 184 48.78 -26.28 3.12
CA ASN D 184 48.91 -27.35 4.10
C ASN D 184 48.71 -28.77 3.54
N LEU D 185 47.88 -28.92 2.51
CA LEU D 185 47.52 -30.23 1.98
C LEU D 185 48.05 -30.50 0.58
N GLY D 186 48.57 -29.47 -0.08
CA GLY D 186 49.09 -29.63 -1.43
C GLY D 186 48.02 -29.97 -2.45
N ILE D 187 46.80 -29.44 -2.24
CA ILE D 187 45.70 -29.65 -3.19
C ILE D 187 45.79 -28.65 -4.34
N ILE D 188 45.22 -29.02 -5.49
CA ILE D 188 45.22 -28.16 -6.66
C ILE D 188 44.04 -27.19 -6.57
N PRO D 189 44.31 -25.88 -6.51
CA PRO D 189 43.19 -24.95 -6.44
C PRO D 189 42.38 -24.95 -7.74
N PHE D 190 41.10 -25.29 -7.63
CA PHE D 190 40.17 -25.32 -8.75
C PHE D 190 39.78 -23.88 -9.14
N ASP D 191 39.79 -23.60 -10.44
CA ASP D 191 39.28 -22.35 -10.97
C ASP D 191 37.92 -22.63 -11.61
N PRO D 192 36.84 -22.03 -11.05
CA PRO D 192 35.51 -22.11 -11.68
C PRO D 192 35.48 -21.65 -13.14
N ALA D 193 36.31 -20.66 -13.49
CA ALA D 193 36.41 -20.17 -14.87
C ALA D 193 37.14 -21.11 -15.82
N ASN D 194 37.81 -22.14 -15.29
CA ASN D 194 38.46 -23.17 -16.12
C ASN D 194 38.07 -24.56 -15.65
N PRO D 195 36.78 -24.92 -15.80
CA PRO D 195 36.28 -26.15 -15.21
C PRO D 195 36.65 -27.41 -16.00
N LYS D 196 36.65 -28.53 -15.30
CA LYS D 196 36.77 -29.85 -15.94
C LYS D 196 35.75 -30.79 -15.28
N LYS D 197 35.39 -31.85 -15.99
CA LYS D 197 34.39 -32.80 -15.50
C LYS D 197 35.01 -33.76 -14.50
N PHE D 198 34.21 -34.19 -13.51
CA PHE D 198 34.65 -35.16 -12.51
C PHE D 198 33.65 -36.31 -12.42
N SER D 199 34.14 -37.49 -12.09
CA SER D 199 33.29 -38.63 -11.76
C SER D 199 33.10 -38.76 -10.24
N ILE D 200 33.91 -38.03 -9.47
CA ILE D 200 33.84 -38.03 -8.00
C ILE D 200 33.85 -36.60 -7.44
N ILE D 201 32.79 -36.21 -6.74
CA ILE D 201 32.70 -34.88 -6.14
C ILE D 201 32.30 -34.97 -4.66
N PHE D 202 33.01 -34.23 -3.83
CA PHE D 202 32.74 -34.16 -2.39
C PHE D 202 32.41 -32.72 -2.03
N GLU D 203 31.22 -32.48 -1.49
CA GLU D 203 30.74 -31.12 -1.19
C GLU D 203 30.39 -31.00 0.28
N ALA D 204 30.95 -29.99 0.96
CA ALA D 204 30.66 -29.71 2.36
C ALA D 204 30.44 -28.21 2.60
N THR D 205 29.30 -27.71 2.15
CA THR D 205 28.93 -26.30 2.24
C THR D 205 27.52 -26.20 2.83
N PRO D 206 27.18 -25.07 3.46
CA PRO D 206 25.78 -24.91 3.89
C PRO D 206 24.91 -24.20 2.86
N CYS D 207 25.26 -24.33 1.57
CA CYS D 207 24.62 -23.55 0.52
C CYS D 207 24.13 -24.41 -0.65
N ALA D 208 23.10 -23.91 -1.32
CA ALA D 208 22.55 -24.54 -2.52
C ALA D 208 23.35 -24.17 -3.75
N ASN D 209 23.22 -24.98 -4.80
CA ASN D 209 23.73 -24.65 -6.13
C ASN D 209 25.21 -24.30 -6.17
N THR D 210 26.01 -25.02 -5.38
CA THR D 210 27.45 -24.80 -5.33
C THR D 210 28.23 -25.67 -6.32
N ILE D 211 27.58 -26.69 -6.88
CA ILE D 211 28.21 -27.55 -7.89
C ILE D 211 27.70 -27.18 -9.28
N PRO D 212 28.56 -26.54 -10.11
CA PRO D 212 28.11 -26.03 -11.40
C PRO D 212 28.02 -27.14 -12.44
N GLU D 213 27.14 -26.96 -13.42
CA GLU D 213 26.88 -27.97 -14.45
C GLU D 213 28.14 -28.41 -15.19
N ALA D 214 29.03 -27.48 -15.47
CA ALA D 214 30.28 -27.72 -16.22
C ALA D 214 31.18 -28.79 -15.59
N VAL D 215 30.99 -29.02 -14.30
CA VAL D 215 31.84 -29.94 -13.53
C VAL D 215 31.28 -31.38 -13.52
N LEU D 216 30.02 -31.54 -13.91
CA LEU D 216 29.35 -32.85 -13.85
C LEU D 216 29.67 -33.74 -15.04
N SER D 217 29.57 -35.06 -14.80
CA SER D 217 29.59 -36.05 -15.87
C SER D 217 28.48 -37.08 -15.60
N GLU D 218 28.23 -37.94 -16.58
CA GLU D 218 27.18 -38.96 -16.47
C GLU D 218 27.47 -39.94 -15.34
N ASN D 219 26.47 -40.14 -14.48
CA ASN D 219 26.55 -41.08 -13.36
C ASN D 219 27.67 -40.78 -12.35
N CYS D 220 28.12 -39.53 -12.28
CA CYS D 220 29.14 -39.15 -11.30
C CYS D 220 28.56 -39.23 -9.90
N VAL D 221 29.41 -39.49 -8.92
CA VAL D 221 28.98 -39.56 -7.53
C VAL D 221 29.14 -38.19 -6.89
N LEU D 222 28.12 -37.76 -6.16
CA LEU D 222 28.20 -36.56 -5.34
C LEU D 222 27.97 -36.94 -3.88
N SER D 223 29.07 -37.00 -3.12
CA SER D 223 29.02 -37.30 -1.70
C SER D 223 29.02 -35.97 -0.95
N THR D 224 27.94 -35.68 -0.25
CA THR D 224 27.77 -34.38 0.37
C THR D 224 26.96 -34.45 1.66
N PRO D 225 27.58 -34.08 2.80
CA PRO D 225 26.82 -33.87 4.02
C PRO D 225 26.22 -32.46 4.11
N GLY D 226 26.52 -31.61 3.13
CA GLY D 226 26.01 -30.24 3.12
C GLY D 226 24.50 -30.15 3.11
N ILE D 227 23.97 -29.11 3.75
CA ILE D 227 22.53 -28.86 3.83
C ILE D 227 22.30 -27.39 3.50
N PRO D 228 21.38 -27.09 2.55
CA PRO D 228 20.60 -27.98 1.70
C PRO D 228 21.44 -28.63 0.59
N CYS D 229 20.78 -29.24 -0.39
CA CYS D 229 21.46 -29.98 -1.46
C CYS D 229 22.29 -29.07 -2.38
N ALA D 230 23.53 -29.47 -2.63
CA ALA D 230 24.48 -28.71 -3.45
C ALA D 230 24.11 -28.63 -4.92
N ILE D 231 23.20 -29.50 -5.33
CA ILE D 231 22.79 -29.61 -6.72
C ILE D 231 21.27 -29.58 -6.78
N SER D 232 20.73 -28.87 -7.77
CA SER D 232 19.29 -28.83 -7.99
C SER D 232 18.77 -30.21 -8.41
N GLU D 233 17.48 -30.42 -8.25
CA GLU D 233 16.83 -31.65 -8.75
C GLU D 233 17.03 -31.82 -10.26
N GLU D 234 16.95 -30.72 -11.01
CA GLU D 234 17.11 -30.74 -12.47
C GLU D 234 18.46 -31.35 -12.88
N LEU D 235 19.56 -30.73 -12.42
CA LEU D 235 20.89 -31.22 -12.74
C LEU D 235 21.11 -32.66 -12.28
N ARG D 236 20.56 -32.99 -11.12
CA ARG D 236 20.68 -34.35 -10.58
C ARG D 236 20.07 -35.37 -11.55
N ASP D 237 18.88 -35.08 -12.07
CA ASP D 237 18.22 -35.96 -13.03
C ASP D 237 19.00 -36.03 -14.34
N LYS D 238 19.34 -34.86 -14.88
CA LYS D 238 19.94 -34.77 -16.22
C LYS D 238 21.27 -35.50 -16.36
N TYR D 239 22.03 -35.62 -15.28
CA TYR D 239 23.34 -36.28 -15.31
C TYR D 239 23.34 -37.62 -14.56
N GLU D 240 22.16 -38.09 -14.17
CA GLU D 240 22.01 -39.36 -13.46
C GLU D 240 22.93 -39.44 -12.22
N VAL D 241 22.98 -38.35 -11.44
CA VAL D 241 23.93 -38.25 -10.34
C VAL D 241 23.61 -39.24 -9.21
N GLN D 242 24.65 -39.94 -8.75
CA GLN D 242 24.53 -40.86 -7.63
C GLN D 242 24.80 -40.09 -6.33
N LEU D 243 23.71 -39.71 -5.65
CA LEU D 243 23.76 -38.76 -4.55
C LEU D 243 23.88 -39.48 -3.22
N ILE D 244 24.94 -39.17 -2.47
CA ILE D 244 25.06 -39.63 -1.09
C ILE D 244 24.92 -38.39 -0.23
N ALA D 245 23.80 -38.28 0.46
CA ALA D 245 23.47 -37.09 1.24
C ALA D 245 22.40 -37.43 2.26
N GLU D 246 22.72 -37.20 3.52
CA GLU D 246 21.86 -37.57 4.64
C GLU D 246 22.25 -36.70 5.85
N PRO D 247 21.28 -36.19 6.61
CA PRO D 247 21.56 -35.07 7.53
C PRO D 247 22.24 -35.36 8.89
N LEU D 248 22.39 -36.62 9.31
CA LEU D 248 22.88 -36.91 10.67
C LEU D 248 23.48 -38.31 10.86
N GLY D 249 22.78 -39.32 10.35
CA GLY D 249 23.14 -40.73 10.53
C GLY D 249 24.55 -41.15 10.18
N ILE D 250 24.99 -40.81 8.97
CA ILE D 250 26.29 -41.31 8.48
C ILE D 250 27.45 -40.73 9.28
N GLY D 251 27.35 -39.45 9.61
CA GLY D 251 28.36 -38.78 10.45
C GLY D 251 28.35 -39.32 11.87
N THR D 252 27.17 -39.73 12.34
CA THR D 252 27.03 -40.35 13.67
C THR D 252 27.67 -41.73 13.73
N ALA D 253 27.45 -42.54 12.69
CA ALA D 253 28.12 -43.84 12.56
C ALA D 253 29.63 -43.67 12.56
N SER D 254 30.10 -42.70 11.77
CA SER D 254 31.54 -42.39 11.72
C SER D 254 32.10 -42.10 13.11
N MET D 255 31.39 -41.26 13.87
CA MET D 255 31.80 -40.93 15.24
C MET D 255 31.88 -42.17 16.13
N LEU D 256 30.81 -42.96 16.14
CA LEU D 256 30.69 -44.12 17.01
C LEU D 256 31.74 -45.18 16.73
N TYR D 257 31.87 -45.55 15.46
CA TYR D 257 32.88 -46.53 15.07
C TYR D 257 34.31 -46.01 15.26
N SER D 258 34.49 -44.69 15.20
CA SER D 258 35.82 -44.11 15.45
C SER D 258 36.25 -44.23 16.91
N VAL D 259 35.31 -44.47 17.82
CA VAL D 259 35.65 -44.54 19.25
C VAL D 259 35.56 -45.96 19.82
N LEU D 260 35.11 -46.91 19.00
CA LEU D 260 35.05 -48.31 19.44
C LEU D 260 36.44 -48.84 19.68
#